data_4ZV3
#
_entry.id   4ZV3
#
_cell.length_a   66.847
_cell.length_b   106.924
_cell.length_c   79.864
_cell.angle_alpha   90.00
_cell.angle_beta   112.32
_cell.angle_gamma   90.00
#
_symmetry.space_group_name_H-M   'P 1 21 1'
#
loop_
_entity.id
_entity.type
_entity.pdbx_description
1 polymer 'Cytosolic acyl coenzyme A thioester hydrolase'
2 non-polymer 'COENZYME A'
#
_entity_poly.entity_id   1
_entity_poly.type   'polypeptide(L)'
_entity_poly.pdbx_seq_one_letter_code
;SNAVTMGRIMRPDDANVAGNVHGGTILKMIEEAGAIISTRHCNSQNGERCVAALARVERTDFLSPMCIGEVAHVSAEITY
TSKHSVEVQVHVMSENILTGTKKLTNKATLWYVPLSLKNVDKVLEVPPIVYLRQEQEEEGRKRYEAQKLERMETKWRNGD
IVQPVLNPEPNTVSYSQSSLIHLVGPSDCTLHGFVHGGVTMKLMDEVAGIVAARHCKTNIVTASVDAINFHDKIRKGCVI
TISGRMTFTSNKSMEIEVLVDADPVVDNSQKRYRAASAFFTYVSLNQEGKPMPVPQLVPETEDEKKRFEEGKGRYLQM
;
_entity_poly.pdbx_strand_id   A,B,C
#
loop_
_chem_comp.id
_chem_comp.type
_chem_comp.name
_chem_comp.formula
COA non-polymer 'COENZYME A' 'C21 H36 N7 O16 P3 S'
#
# COMPACT_ATOMS: atom_id res chain seq x y z
N VAL A 4 -9.76 -8.36 -19.58
CA VAL A 4 -9.79 -7.07 -20.23
C VAL A 4 -11.02 -6.29 -19.85
N THR A 5 -11.30 -6.18 -18.57
CA THR A 5 -12.35 -5.28 -18.09
C THR A 5 -12.34 -5.00 -16.60
N MET A 6 -13.11 -4.00 -16.17
CA MET A 6 -12.85 -3.32 -14.92
C MET A 6 -13.88 -2.80 -13.95
N GLY A 7 -13.31 -2.38 -12.85
CA GLY A 7 -14.01 -1.70 -11.82
C GLY A 7 -12.93 -1.52 -10.81
N ARG A 8 -12.48 -0.30 -10.67
CA ARG A 8 -12.02 0.33 -9.45
C ARG A 8 -12.73 1.55 -9.10
N ILE A 9 -12.94 1.74 -7.83
CA ILE A 9 -13.55 2.97 -7.43
C ILE A 9 -12.49 3.79 -6.75
N MET A 10 -12.41 5.04 -7.14
CA MET A 10 -11.24 5.89 -6.89
C MET A 10 -11.30 6.44 -5.50
N ARG A 11 -10.37 6.02 -4.66
CA ARG A 11 -10.39 6.39 -3.25
C ARG A 11 -9.65 7.71 -3.09
N PRO A 12 -9.73 8.34 -1.90
CA PRO A 12 -9.00 9.60 -1.68
C PRO A 12 -7.49 9.50 -1.85
N ASP A 13 -6.92 8.33 -1.60
CA ASP A 13 -5.49 8.13 -1.84
C ASP A 13 -5.11 7.99 -3.31
N ASP A 14 -6.09 7.96 -4.20
CA ASP A 14 -5.83 7.99 -5.61
C ASP A 14 -5.76 9.40 -6.17
N ALA A 15 -5.85 10.41 -5.33
CA ALA A 15 -6.08 11.77 -5.81
C ALA A 15 -5.47 12.84 -4.92
N ASN A 16 -5.24 14.01 -5.50
CA ASN A 16 -4.67 15.15 -4.76
C ASN A 16 -5.67 15.69 -3.75
N VAL A 17 -5.28 16.70 -2.97
CA VAL A 17 -6.18 17.28 -1.91
C VAL A 17 -7.49 17.82 -2.48
N ALA A 18 -7.43 18.27 -3.73
CA ALA A 18 -8.59 18.79 -4.45
C ALA A 18 -9.35 17.68 -5.16
N GLY A 19 -8.92 16.43 -4.98
CA GLY A 19 -9.71 15.28 -5.40
C GLY A 19 -9.60 14.85 -6.86
N ASN A 20 -8.75 15.52 -7.61
CA ASN A 20 -8.41 15.03 -8.92
C ASN A 20 -7.44 13.86 -8.84
N VAL A 21 -7.90 12.72 -9.34
CA VAL A 21 -7.08 11.52 -9.46
C VAL A 21 -5.70 11.82 -10.10
N HIS A 22 -4.64 11.15 -9.63
CA HIS A 22 -3.29 11.31 -10.19
C HIS A 22 -3.16 10.62 -11.54
N GLY A 23 -2.44 11.27 -12.45
CA GLY A 23 -2.22 10.70 -13.78
C GLY A 23 -1.61 9.32 -13.67
N GLY A 24 -0.61 9.24 -12.79
CA GLY A 24 0.12 8.01 -12.54
C GLY A 24 -0.77 6.93 -12.01
N THR A 25 -1.75 7.30 -11.19
CA THR A 25 -2.76 6.32 -10.71
C THR A 25 -3.44 5.65 -11.90
N ILE A 26 -3.82 6.42 -12.91
CA ILE A 26 -4.41 5.87 -14.13
C ILE A 26 -3.39 5.12 -14.95
N LEU A 27 -2.17 5.64 -15.05
CA LEU A 27 -1.16 4.99 -15.84
C LEU A 27 -0.89 3.58 -15.36
N LYS A 28 -0.84 3.42 -14.03
CA LYS A 28 -0.51 2.15 -13.41
C LYS A 28 -1.63 1.13 -13.64
N MET A 29 -2.89 1.57 -13.65
CA MET A 29 -4.04 0.71 -13.97
C MET A 29 -4.06 0.27 -15.43
N ILE A 30 -3.74 1.21 -16.32
CA ILE A 30 -3.66 0.94 -17.75
C ILE A 30 -2.64 -0.15 -17.99
N GLU A 31 -1.48 -0.04 -17.33
CA GLU A 31 -0.40 -0.97 -17.57
C GLU A 31 -0.74 -2.33 -17.04
N GLU A 32 -1.29 -2.43 -15.83
CA GLU A 32 -1.62 -3.73 -15.24
C GLU A 32 -2.54 -4.47 -16.17
N ALA A 33 -3.47 -3.73 -16.80
CA ALA A 33 -4.41 -4.30 -17.77
C ALA A 33 -3.66 -4.85 -18.97
N GLY A 34 -2.88 -3.99 -19.61
CA GLY A 34 -2.03 -4.37 -20.72
C GLY A 34 -1.13 -5.55 -20.39
N ALA A 35 -0.50 -5.52 -19.22
CA ALA A 35 0.43 -6.57 -18.82
C ALA A 35 -0.25 -7.91 -18.69
N ILE A 36 -1.52 -7.92 -18.30
CA ILE A 36 -2.25 -9.17 -18.12
C ILE A 36 -2.63 -9.75 -19.48
N ILE A 37 -3.39 -8.97 -20.25
CA ILE A 37 -3.95 -9.42 -21.51
C ILE A 37 -2.84 -9.95 -22.41
N SER A 38 -1.69 -9.28 -22.36
CA SER A 38 -0.58 -9.62 -23.22
C SER A 38 0.15 -10.84 -22.71
N THR A 39 0.37 -10.97 -21.41
CA THR A 39 1.04 -12.18 -20.89
C THR A 39 0.16 -13.40 -21.03
N ARG A 40 -1.14 -13.20 -21.01
CA ARG A 40 -2.07 -14.30 -21.23
C ARG A 40 -1.86 -14.80 -22.64
N HIS A 41 -2.05 -13.90 -23.61
CA HIS A 41 -1.99 -14.22 -25.03
C HIS A 41 -0.62 -14.73 -25.50
N CYS A 42 0.46 -14.23 -24.91
CA CYS A 42 1.80 -14.74 -25.22
C CYS A 42 2.02 -16.16 -24.67
N ASN A 43 1.05 -16.71 -23.95
CA ASN A 43 1.11 -18.11 -23.54
C ASN A 43 -0.10 -18.91 -24.04
N SER A 44 -0.86 -18.34 -24.97
CA SER A 44 -2.10 -18.96 -25.45
C SER A 44 -1.85 -20.13 -26.43
N GLN A 45 -0.78 -20.05 -27.22
CA GLN A 45 -0.38 -21.15 -28.12
C GLN A 45 0.54 -22.16 -27.42
N ASN A 46 0.86 -21.89 -26.16
CA ASN A 46 1.51 -22.86 -25.28
C ASN A 46 2.96 -23.22 -25.64
N GLY A 47 3.73 -22.22 -26.05
CA GLY A 47 5.16 -22.38 -26.24
C GLY A 47 5.91 -22.40 -24.91
N GLU A 48 7.12 -21.84 -24.91
CA GLU A 48 7.92 -21.69 -23.69
C GLU A 48 7.29 -20.61 -22.83
N ARG A 49 7.40 -20.74 -21.52
CA ARG A 49 6.71 -19.81 -20.59
C ARG A 49 7.39 -18.44 -20.49
N CYS A 50 6.57 -17.38 -20.62
CA CYS A 50 7.06 -16.01 -20.77
C CYS A 50 6.29 -15.02 -19.92
N VAL A 51 6.80 -13.79 -19.87
CA VAL A 51 6.09 -12.67 -19.27
C VAL A 51 6.22 -11.44 -20.16
N ALA A 52 5.08 -10.86 -20.52
CA ALA A 52 5.09 -9.60 -21.22
C ALA A 52 5.75 -8.51 -20.38
N ALA A 53 6.67 -7.75 -21.01
CA ALA A 53 7.31 -6.62 -20.38
C ALA A 53 7.04 -5.36 -21.21
N LEU A 54 6.67 -4.28 -20.51
CA LEU A 54 6.26 -3.05 -21.16
C LEU A 54 7.47 -2.49 -21.84
N ALA A 55 7.36 -2.32 -23.16
CA ALA A 55 8.45 -1.76 -23.97
C ALA A 55 8.16 -0.34 -24.41
N ARG A 56 6.92 -0.06 -24.77
CA ARG A 56 6.61 1.28 -25.25
C ARG A 56 5.22 1.69 -24.87
N VAL A 57 5.05 2.99 -24.70
CA VAL A 57 3.76 3.60 -24.43
C VAL A 57 3.64 4.77 -25.38
N GLU A 58 2.51 4.90 -26.06
CA GLU A 58 2.33 6.01 -26.98
C GLU A 58 1.93 7.26 -26.26
N ARG A 59 2.10 8.40 -26.94
CA ARG A 59 1.57 9.66 -26.43
C ARG A 59 0.16 9.39 -25.91
N THR A 60 -0.25 10.14 -24.90
CA THR A 60 -1.54 9.93 -24.33
C THR A 60 -2.00 11.18 -23.60
N ASP A 61 -3.26 11.55 -23.82
CA ASP A 61 -3.80 12.78 -23.24
C ASP A 61 -4.99 12.51 -22.34
N PHE A 62 -5.05 13.26 -21.27
CA PHE A 62 -6.06 13.11 -20.25
C PHE A 62 -7.16 14.08 -20.63
N LEU A 63 -8.30 13.52 -21.02
CA LEU A 63 -9.35 14.28 -21.66
C LEU A 63 -10.21 14.95 -20.61
N SER A 64 -10.86 14.16 -19.75
CA SER A 64 -11.69 14.70 -18.69
C SER A 64 -11.02 14.36 -17.39
N PRO A 65 -11.25 15.18 -16.35
CA PRO A 65 -10.68 14.78 -15.08
C PRO A 65 -11.48 13.62 -14.47
N MET A 66 -10.82 12.88 -13.58
CA MET A 66 -11.48 11.87 -12.82
C MET A 66 -11.43 12.31 -11.38
N CYS A 67 -12.49 12.03 -10.63
CA CYS A 67 -12.58 12.48 -9.24
C CYS A 67 -12.81 11.36 -8.25
N ILE A 68 -12.42 11.63 -7.01
CA ILE A 68 -12.72 10.73 -5.90
C ILE A 68 -14.17 10.26 -5.98
N GLY A 69 -14.39 8.95 -5.82
CA GLY A 69 -15.74 8.42 -5.80
C GLY A 69 -16.22 7.91 -7.14
N GLU A 70 -15.60 8.36 -8.22
CA GLU A 70 -15.98 7.91 -9.55
C GLU A 70 -15.37 6.53 -9.77
N VAL A 71 -16.03 5.67 -10.53
CA VAL A 71 -15.46 4.38 -10.87
C VAL A 71 -14.67 4.49 -12.16
N ALA A 72 -13.41 4.07 -12.13
CA ALA A 72 -12.61 4.04 -13.33
C ALA A 72 -12.85 2.70 -13.97
N HIS A 73 -13.25 2.71 -15.24
CA HIS A 73 -13.39 1.50 -16.03
C HIS A 73 -12.25 1.42 -17.02
N VAL A 74 -11.55 0.29 -17.02
CA VAL A 74 -10.38 0.11 -17.85
C VAL A 74 -10.63 -1.12 -18.73
N SER A 75 -10.90 -0.87 -20.01
CA SER A 75 -11.00 -1.96 -20.99
C SER A 75 -9.75 -1.95 -21.84
N ALA A 76 -9.21 -3.13 -22.07
CA ALA A 76 -7.93 -3.29 -22.74
C ALA A 76 -8.03 -4.40 -23.76
N GLU A 77 -7.91 -4.05 -25.03
CA GLU A 77 -8.01 -4.99 -26.13
C GLU A 77 -6.63 -5.09 -26.82
N ILE A 78 -6.31 -6.27 -27.36
CA ILE A 78 -5.16 -6.40 -28.27
C ILE A 78 -5.55 -5.94 -29.66
N THR A 79 -4.76 -5.06 -30.27
CA THR A 79 -5.10 -4.51 -31.58
C THR A 79 -4.23 -5.02 -32.75
N TYR A 80 -3.07 -5.63 -32.44
CA TYR A 80 -2.11 -6.07 -33.46
C TYR A 80 -1.05 -6.98 -32.82
N THR A 81 -0.37 -7.78 -33.63
CA THR A 81 0.91 -8.35 -33.23
C THR A 81 1.93 -8.29 -34.37
N SER A 82 3.18 -8.14 -33.98
CA SER A 82 4.28 -8.38 -34.87
C SER A 82 4.91 -9.74 -34.49
N LYS A 83 6.09 -10.01 -35.01
CA LYS A 83 6.75 -11.26 -34.74
C LYS A 83 7.06 -11.37 -33.26
N HIS A 84 7.54 -10.27 -32.67
CA HIS A 84 8.00 -10.24 -31.28
C HIS A 84 7.26 -9.24 -30.35
N SER A 85 6.38 -8.40 -30.89
CA SER A 85 5.70 -7.35 -30.09
C SER A 85 4.18 -7.51 -30.09
N VAL A 86 3.51 -6.90 -29.11
CA VAL A 86 2.05 -6.93 -29.03
C VAL A 86 1.52 -5.53 -28.86
N GLU A 87 0.71 -5.08 -29.81
CA GLU A 87 0.00 -3.82 -29.59
C GLU A 87 -1.20 -4.06 -28.67
N VAL A 88 -1.47 -3.11 -27.77
CA VAL A 88 -2.64 -3.17 -26.90
C VAL A 88 -3.22 -1.80 -26.81
N GLN A 89 -4.50 -1.64 -27.10
CA GLN A 89 -5.12 -0.37 -26.90
C GLN A 89 -5.92 -0.47 -25.63
N VAL A 90 -6.02 0.62 -24.88
CA VAL A 90 -6.76 0.65 -23.63
C VAL A 90 -7.66 1.88 -23.59
N HIS A 91 -8.90 1.69 -23.19
CA HIS A 91 -9.80 2.80 -22.96
C HIS A 91 -10.03 2.91 -21.47
N VAL A 92 -10.08 4.13 -20.98
CA VAL A 92 -10.33 4.40 -19.57
C VAL A 92 -11.40 5.41 -19.52
N MET A 93 -12.49 5.02 -18.88
CA MET A 93 -13.74 5.74 -18.88
C MET A 93 -14.17 5.94 -17.44
N SER A 94 -14.60 7.15 -17.09
CA SER A 94 -15.00 7.42 -15.71
C SER A 94 -16.51 7.44 -15.62
N GLU A 95 -17.06 6.55 -14.80
CA GLU A 95 -18.47 6.59 -14.46
C GLU A 95 -18.61 7.30 -13.13
N ASN A 96 -19.48 8.31 -13.09
CA ASN A 96 -19.97 8.82 -11.84
C ASN A 96 -21.23 8.03 -11.49
N ILE A 97 -21.27 7.44 -10.29
CA ILE A 97 -22.38 6.54 -9.94
C ILE A 97 -23.45 7.18 -9.09
N LEU A 98 -23.32 8.47 -8.84
CA LEU A 98 -24.43 9.24 -8.26
C LEU A 98 -25.30 9.80 -9.38
N THR A 99 -24.66 10.39 -10.38
CA THR A 99 -25.37 11.07 -11.47
C THR A 99 -25.55 10.21 -12.72
N GLY A 100 -25.02 8.99 -12.74
CA GLY A 100 -25.12 8.14 -13.93
C GLY A 100 -24.16 8.50 -15.06
N THR A 101 -23.71 9.76 -15.09
CA THR A 101 -22.81 10.29 -16.12
C THR A 101 -21.60 9.40 -16.47
N LYS A 102 -21.21 9.38 -17.74
CA LYS A 102 -19.93 8.77 -18.14
C LYS A 102 -19.11 9.70 -19.03
N LYS A 103 -17.80 9.59 -18.91
CA LYS A 103 -16.87 10.36 -19.75
C LYS A 103 -15.75 9.43 -20.14
N LEU A 104 -15.14 9.69 -21.29
CA LEU A 104 -13.90 9.02 -21.65
C LEU A 104 -12.76 9.87 -21.12
N THR A 105 -11.92 9.23 -20.32
CA THR A 105 -10.81 9.91 -19.72
C THR A 105 -9.59 9.79 -20.61
N ASN A 106 -9.49 8.65 -21.28
CA ASN A 106 -8.19 8.27 -21.76
C ASN A 106 -8.23 7.11 -22.73
N LYS A 107 -7.69 7.30 -23.93
CA LYS A 107 -7.30 6.18 -24.77
C LYS A 107 -5.82 6.02 -24.57
N ALA A 108 -5.32 4.83 -24.80
CA ALA A 108 -3.90 4.60 -24.64
C ALA A 108 -3.47 3.39 -25.42
N THR A 109 -2.25 3.41 -25.95
CA THR A 109 -1.71 2.31 -26.75
C THR A 109 -0.37 1.85 -26.16
N LEU A 110 -0.15 0.56 -26.07
CA LEU A 110 1.00 0.06 -25.38
C LEU A 110 1.63 -1.04 -26.19
N TRP A 111 2.95 -1.21 -26.01
CA TRP A 111 3.70 -2.25 -26.73
C TRP A 111 4.41 -3.11 -25.73
N TYR A 112 4.07 -4.39 -25.76
CA TYR A 112 4.58 -5.37 -24.79
C TYR A 112 5.43 -6.39 -25.53
N VAL A 113 6.36 -7.03 -24.81
CA VAL A 113 7.30 -7.99 -25.44
C VAL A 113 7.63 -9.17 -24.51
N PRO A 114 7.30 -10.39 -24.95
CA PRO A 114 7.45 -11.54 -24.06
C PRO A 114 8.90 -11.90 -23.82
N LEU A 115 9.27 -12.08 -22.56
CA LEU A 115 10.60 -12.49 -22.16
C LEU A 115 10.49 -13.82 -21.47
N SER A 116 11.35 -14.76 -21.85
CA SER A 116 11.33 -16.12 -21.29
C SER A 116 11.53 -16.06 -19.79
N LEU A 117 10.73 -16.83 -19.06
CA LEU A 117 10.83 -16.89 -17.60
C LEU A 117 12.02 -17.74 -17.19
N LYS A 118 12.35 -18.73 -18.01
CA LYS A 118 13.52 -19.56 -17.78
C LYS A 118 14.78 -18.78 -18.15
N ASN A 119 14.89 -18.41 -19.43
CA ASN A 119 16.01 -17.61 -19.92
C ASN A 119 15.73 -16.12 -19.76
N VAL A 120 16.30 -15.52 -18.73
CA VAL A 120 16.21 -14.07 -18.57
C VAL A 120 16.78 -13.42 -19.84
N ASP A 121 16.13 -12.35 -20.28
CA ASP A 121 16.60 -11.53 -21.41
C ASP A 121 16.41 -12.18 -22.79
N LYS A 122 15.66 -13.28 -22.89
CA LYS A 122 15.44 -13.94 -24.18
C LYS A 122 14.09 -13.58 -24.79
N VAL A 123 14.09 -12.75 -25.83
CA VAL A 123 12.83 -12.38 -26.50
C VAL A 123 12.23 -13.58 -27.23
N LEU A 124 10.91 -13.62 -27.31
CA LEU A 124 10.18 -14.74 -27.91
C LEU A 124 9.21 -14.24 -28.97
N GLU A 125 8.49 -15.18 -29.57
CA GLU A 125 7.61 -14.87 -30.68
C GLU A 125 6.15 -14.77 -30.24
N VAL A 126 5.48 -13.76 -30.75
CA VAL A 126 4.12 -13.43 -30.38
C VAL A 126 3.16 -14.08 -31.38
N PRO A 127 2.33 -15.04 -30.90
CA PRO A 127 1.28 -15.69 -31.69
C PRO A 127 0.44 -14.74 -32.54
N PRO A 128 -0.10 -15.21 -33.67
CA PRO A 128 -0.92 -14.28 -34.44
C PRO A 128 -2.31 -14.13 -33.83
N ILE A 129 -2.92 -12.98 -34.06
CA ILE A 129 -4.28 -12.74 -33.62
C ILE A 129 -5.19 -12.78 -34.85
N VAL A 130 -6.46 -13.11 -34.62
CA VAL A 130 -7.45 -13.15 -35.69
C VAL A 130 -8.17 -11.81 -35.79
N TYR A 131 -8.06 -11.17 -36.96
CA TYR A 131 -8.70 -9.88 -37.18
C TYR A 131 -10.06 -10.14 -37.84
N LEU A 132 -10.76 -9.06 -38.19
CA LEU A 132 -12.02 -9.14 -38.92
C LEU A 132 -11.84 -8.65 -40.35
N ARG A 133 -11.10 -7.54 -40.52
CA ARG A 133 -10.75 -7.00 -41.83
C ARG A 133 -9.24 -6.86 -41.97
N GLN A 134 -8.77 -6.73 -43.21
CA GLN A 134 -7.36 -6.47 -43.48
C GLN A 134 -6.97 -5.06 -43.02
N GLU A 135 -7.85 -4.09 -43.25
CA GLU A 135 -7.56 -2.68 -42.92
C GLU A 135 -7.09 -2.51 -41.47
N GLN A 136 -7.59 -3.38 -40.59
CA GLN A 136 -7.12 -3.42 -39.20
C GLN A 136 -5.66 -3.79 -39.14
N GLU A 137 -5.31 -4.93 -39.74
CA GLU A 137 -3.92 -5.38 -39.80
C GLU A 137 -2.97 -4.35 -40.45
N GLU A 138 -3.41 -3.75 -41.56
CA GLU A 138 -2.63 -2.69 -42.20
C GLU A 138 -2.43 -1.49 -41.26
N GLU A 139 -3.54 -0.98 -40.73
CA GLU A 139 -3.49 0.13 -39.77
C GLU A 139 -2.60 -0.20 -38.58
N GLY A 140 -2.66 -1.46 -38.14
CA GLY A 140 -1.73 -1.99 -37.16
C GLY A 140 -0.29 -1.97 -37.65
N ARG A 141 -0.05 -2.51 -38.85
CA ARG A 141 1.30 -2.52 -39.46
C ARG A 141 1.86 -1.10 -39.70
N LYS A 142 1.03 -0.17 -40.20
CA LYS A 142 1.47 1.21 -40.40
C LYS A 142 1.86 1.85 -39.07
N ARG A 143 1.06 1.61 -38.04
CA ARG A 143 1.39 2.09 -36.68
C ARG A 143 2.55 1.33 -36.07
N TYR A 144 2.64 0.05 -36.40
CA TYR A 144 3.80 -0.78 -36.02
C TYR A 144 5.08 -0.35 -36.73
N GLU A 145 4.96 0.26 -37.90
CA GLU A 145 6.11 0.86 -38.57
C GLU A 145 6.39 2.24 -37.99
N ALA A 146 5.36 3.09 -37.93
CA ALA A 146 5.51 4.45 -37.39
C ALA A 146 6.26 4.52 -36.05
N GLN A 147 6.01 3.56 -35.15
CA GLN A 147 6.78 3.48 -33.90
C GLN A 147 8.21 3.00 -34.17
N LYS A 148 8.31 1.96 -35.00
CA LYS A 148 9.57 1.26 -35.29
C LYS A 148 10.58 2.13 -36.06
N LEU A 149 10.06 3.15 -36.73
CA LEU A 149 10.86 4.17 -37.39
C LEU A 149 11.35 5.19 -36.39
N GLU A 150 10.42 5.84 -35.69
CA GLU A 150 10.74 6.85 -34.70
C GLU A 150 11.83 6.38 -33.72
N ARG A 151 11.98 5.07 -33.58
CA ARG A 151 13.01 4.49 -32.71
C ARG A 151 14.36 4.34 -33.39
N MET A 152 14.47 4.78 -34.65
CA MET A 152 15.70 4.72 -35.41
C MET A 152 15.82 5.93 -36.33
N PRO A 168 18.14 30.43 -5.16
CA PRO A 168 17.27 29.75 -6.15
C PRO A 168 15.97 30.51 -6.49
N GLU A 169 15.96 31.13 -7.67
CA GLU A 169 14.96 32.13 -8.07
C GLU A 169 13.57 31.54 -8.44
N PRO A 170 12.47 32.08 -7.87
CA PRO A 170 11.14 31.58 -8.29
C PRO A 170 10.92 31.63 -9.80
N ASN A 171 10.06 30.74 -10.30
CA ASN A 171 9.85 30.58 -11.72
C ASN A 171 11.10 30.23 -12.53
N THR A 172 12.19 29.85 -11.87
CA THR A 172 13.38 29.31 -12.54
C THR A 172 13.41 27.75 -12.43
N VAL A 173 14.15 27.07 -13.31
CA VAL A 173 14.08 25.60 -13.35
C VAL A 173 14.58 24.94 -12.08
N SER A 174 15.56 25.56 -11.43
CA SER A 174 16.13 25.04 -10.17
C SER A 174 15.23 25.20 -8.94
N TYR A 175 14.37 26.21 -8.98
CA TYR A 175 13.40 26.42 -7.92
C TYR A 175 12.47 25.21 -7.79
N SER A 176 11.97 24.70 -8.91
CA SER A 176 11.00 23.59 -8.91
C SER A 176 11.66 22.22 -9.07
N GLN A 177 12.91 22.18 -9.48
CA GLN A 177 13.60 20.91 -9.70
C GLN A 177 13.39 20.04 -8.50
N SER A 178 13.20 18.75 -8.74
CA SER A 178 12.86 17.77 -7.72
C SER A 178 13.40 16.41 -8.11
N SER A 179 13.84 15.63 -7.14
CA SER A 179 14.19 14.24 -7.37
C SER A 179 13.73 13.33 -6.23
N LEU A 180 13.58 12.06 -6.55
CA LEU A 180 13.00 11.07 -5.66
C LEU A 180 13.78 9.80 -5.82
N ILE A 181 13.98 9.09 -4.73
CA ILE A 181 14.86 7.93 -4.71
C ILE A 181 14.10 6.77 -4.09
N HIS A 182 14.10 5.62 -4.77
CA HIS A 182 13.24 4.52 -4.40
C HIS A 182 13.98 3.22 -4.49
N LEU A 183 14.00 2.49 -3.38
CA LEU A 183 14.51 1.15 -3.35
C LEU A 183 13.42 0.21 -3.83
N VAL A 184 13.72 -0.55 -4.86
CA VAL A 184 12.77 -1.43 -5.49
C VAL A 184 12.48 -2.60 -4.58
N GLY A 185 11.24 -2.66 -4.09
CA GLY A 185 10.80 -3.76 -3.27
C GLY A 185 10.13 -4.85 -4.09
N PRO A 186 9.77 -5.96 -3.42
CA PRO A 186 9.17 -7.11 -4.10
C PRO A 186 7.83 -6.87 -4.74
N SER A 187 6.98 -6.09 -4.11
CA SER A 187 5.65 -5.83 -4.70
C SER A 187 5.68 -4.79 -5.83
N ASP A 188 6.81 -4.11 -5.99
CA ASP A 188 7.07 -3.32 -7.18
C ASP A 188 7.32 -4.17 -8.39
N CYS A 189 7.77 -5.38 -8.18
CA CYS A 189 8.32 -6.16 -9.25
C CYS A 189 7.42 -7.20 -9.81
N THR A 190 7.85 -7.76 -10.91
CA THR A 190 7.13 -8.82 -11.55
C THR A 190 7.46 -10.06 -10.75
N LEU A 191 6.89 -11.16 -11.17
CA LEU A 191 7.02 -12.43 -10.47
C LEU A 191 8.47 -12.82 -10.52
N HIS A 192 9.16 -12.12 -11.39
CA HIS A 192 10.61 -12.21 -11.56
C HIS A 192 11.22 -10.90 -11.07
N GLY A 193 12.54 -10.83 -11.03
CA GLY A 193 13.22 -9.72 -10.36
C GLY A 193 12.84 -8.32 -10.80
N PHE A 194 12.02 -8.17 -11.85
CA PHE A 194 11.94 -6.89 -12.57
C PHE A 194 10.69 -6.04 -12.29
N VAL A 195 10.85 -4.75 -12.55
CA VAL A 195 9.87 -3.74 -12.17
C VAL A 195 8.75 -3.63 -13.18
N HIS A 196 7.56 -3.29 -12.71
CA HIS A 196 6.43 -3.05 -13.61
C HIS A 196 6.55 -1.71 -14.32
N GLY A 197 5.97 -1.65 -15.51
CA GLY A 197 5.95 -0.41 -16.25
C GLY A 197 5.14 0.62 -15.50
N GLY A 198 4.06 0.15 -14.89
CA GLY A 198 3.15 1.00 -14.11
C GLY A 198 3.77 1.58 -12.84
N VAL A 199 4.55 0.77 -12.14
CA VAL A 199 5.30 1.26 -10.99
C VAL A 199 6.20 2.42 -11.42
N THR A 200 6.92 2.26 -12.51
CA THR A 200 7.75 3.31 -13.02
C THR A 200 6.97 4.55 -13.43
N MET A 201 5.97 4.35 -14.27
CA MET A 201 5.15 5.45 -14.73
C MET A 201 4.49 6.20 -13.56
N LYS A 202 4.09 5.49 -12.53
CA LYS A 202 3.51 6.15 -11.38
C LYS A 202 4.52 6.99 -10.59
N LEU A 203 5.75 6.50 -10.44
CA LEU A 203 6.80 7.26 -9.78
C LEU A 203 7.23 8.48 -10.58
N MET A 204 7.19 8.37 -11.91
CA MET A 204 7.53 9.49 -12.76
C MET A 204 6.51 10.63 -12.55
N ASP A 205 5.22 10.31 -12.61
CA ASP A 205 4.16 11.27 -12.35
C ASP A 205 4.28 11.85 -10.96
N GLU A 206 4.64 11.05 -9.95
CA GLU A 206 4.82 11.59 -8.59
C GLU A 206 5.82 12.71 -8.61
N VAL A 207 6.89 12.55 -9.36
CA VAL A 207 7.95 13.57 -9.41
C VAL A 207 7.54 14.77 -10.25
N ALA A 208 7.16 14.55 -11.50
CA ALA A 208 6.71 15.61 -12.36
C ALA A 208 5.60 16.37 -11.68
N GLY A 209 4.66 15.65 -11.10
CA GLY A 209 3.58 16.26 -10.31
C GLY A 209 4.08 17.24 -9.28
N ILE A 210 5.11 16.85 -8.55
CA ILE A 210 5.68 17.75 -7.55
C ILE A 210 6.38 18.94 -8.21
N VAL A 211 7.22 18.69 -9.21
CA VAL A 211 7.87 19.77 -9.94
C VAL A 211 6.81 20.79 -10.37
N ALA A 212 5.75 20.31 -11.03
CA ALA A 212 4.67 21.18 -11.47
C ALA A 212 4.12 22.00 -10.32
N ALA A 213 3.80 21.35 -9.21
CA ALA A 213 3.11 22.03 -8.11
C ALA A 213 3.99 23.08 -7.49
N ARG A 214 5.26 22.75 -7.33
CA ARG A 214 6.25 23.69 -6.77
C ARG A 214 6.25 24.99 -7.51
N HIS A 215 6.16 24.89 -8.81
CA HIS A 215 6.18 26.01 -9.73
C HIS A 215 4.88 26.81 -9.74
N CYS A 216 3.77 26.17 -10.09
CA CYS A 216 2.45 26.82 -10.15
C CYS A 216 2.02 27.42 -8.84
N LYS A 217 2.41 26.76 -7.74
CA LYS A 217 1.94 27.08 -6.39
C LYS A 217 0.41 26.90 -6.26
N THR A 218 -0.14 25.95 -7.01
CA THR A 218 -1.57 25.69 -7.02
C THR A 218 -1.90 24.21 -7.34
N ASN A 219 -3.18 23.89 -7.46
CA ASN A 219 -3.62 22.57 -7.87
C ASN A 219 -3.18 22.29 -9.30
N ILE A 220 -2.99 21.01 -9.61
CA ILE A 220 -2.38 20.58 -10.88
C ILE A 220 -2.81 19.17 -11.26
N VAL A 221 -2.78 18.88 -12.55
CA VAL A 221 -3.17 17.56 -13.05
C VAL A 221 -2.42 17.22 -14.33
N THR A 222 -2.28 15.93 -14.56
CA THR A 222 -1.50 15.46 -15.68
C THR A 222 -2.38 15.69 -16.89
N ALA A 223 -1.92 16.50 -17.85
CA ALA A 223 -2.70 16.77 -19.05
C ALA A 223 -2.32 15.80 -20.11
N SER A 224 -1.05 15.45 -20.17
CA SER A 224 -0.57 14.55 -21.22
C SER A 224 0.83 14.01 -20.91
N VAL A 225 1.14 12.92 -21.59
CA VAL A 225 2.40 12.24 -21.44
C VAL A 225 2.86 11.82 -22.83
N ASP A 226 4.12 11.98 -23.11
CA ASP A 226 4.66 11.68 -24.42
C ASP A 226 5.00 10.24 -24.51
N ALA A 227 5.31 9.76 -25.70
CA ALA A 227 5.62 8.37 -25.87
C ALA A 227 6.82 8.11 -25.03
N ILE A 228 6.90 6.92 -24.47
CA ILE A 228 8.05 6.55 -23.67
C ILE A 228 8.53 5.24 -24.17
N ASN A 229 9.81 5.01 -24.01
CA ASN A 229 10.40 3.75 -24.44
C ASN A 229 11.14 3.20 -23.25
N PHE A 230 11.04 1.88 -23.05
CA PHE A 230 11.66 1.28 -21.89
C PHE A 230 12.87 0.52 -22.33
N HIS A 231 14.01 1.17 -22.11
CA HIS A 231 15.32 0.77 -22.65
C HIS A 231 15.70 -0.56 -22.03
N ASP A 232 15.84 -0.56 -20.71
CA ASP A 232 16.38 -1.71 -20.00
C ASP A 232 15.52 -2.04 -18.78
N LYS A 233 15.70 -3.27 -18.27
CA LYS A 233 15.02 -3.72 -17.05
C LYS A 233 15.63 -3.09 -15.80
N ILE A 234 14.89 -3.14 -14.70
CA ILE A 234 15.39 -2.79 -13.38
C ILE A 234 15.08 -3.93 -12.45
N ARG A 235 16.06 -4.39 -11.66
CA ARG A 235 15.87 -5.56 -10.82
C ARG A 235 15.51 -5.18 -9.41
N LYS A 236 14.83 -6.09 -8.72
CA LYS A 236 14.62 -6.00 -7.28
C LYS A 236 15.92 -5.55 -6.66
N GLY A 237 15.83 -4.71 -5.64
CA GLY A 237 17.03 -4.30 -4.92
C GLY A 237 17.76 -3.16 -5.55
N CYS A 238 17.50 -2.86 -6.82
CA CYS A 238 18.04 -1.64 -7.41
C CYS A 238 17.42 -0.49 -6.68
N VAL A 239 18.23 0.52 -6.38
CA VAL A 239 17.71 1.80 -5.96
C VAL A 239 17.63 2.66 -7.20
N ILE A 240 16.45 3.18 -7.49
CA ILE A 240 16.30 4.01 -8.66
C ILE A 240 16.08 5.43 -8.23
N THR A 241 16.62 6.36 -9.01
CA THR A 241 16.47 7.79 -8.76
C THR A 241 15.65 8.45 -9.87
N ILE A 242 14.55 9.11 -9.52
CA ILE A 242 13.77 9.79 -10.53
C ILE A 242 13.94 11.26 -10.31
N SER A 243 14.56 11.92 -11.26
CA SER A 243 14.79 13.35 -11.17
C SER A 243 13.94 14.00 -12.23
N GLY A 244 13.33 15.12 -11.87
CA GLY A 244 12.42 15.81 -12.75
C GLY A 244 12.66 17.27 -12.67
N ARG A 245 12.60 17.93 -13.83
CA ARG A 245 12.86 19.37 -13.96
C ARG A 245 12.05 19.94 -15.14
N MET A 246 11.60 21.19 -14.97
CA MET A 246 10.84 21.87 -16.00
C MET A 246 11.67 22.12 -17.27
N THR A 247 11.03 22.11 -18.42
CA THR A 247 11.70 22.48 -19.66
C THR A 247 11.02 23.68 -20.31
N PHE A 248 9.73 23.56 -20.57
CA PHE A 248 9.01 24.54 -21.35
C PHE A 248 7.73 24.98 -20.63
N THR A 249 7.28 26.20 -20.90
CA THR A 249 5.92 26.60 -20.54
C THR A 249 5.26 27.34 -21.69
N SER A 250 4.08 26.85 -22.05
CA SER A 250 3.14 27.61 -22.83
C SER A 250 2.44 28.52 -21.82
N ASN A 251 1.46 29.27 -22.29
CA ASN A 251 0.71 30.15 -21.41
C ASN A 251 -0.03 29.34 -20.34
N LYS A 252 -0.63 28.23 -20.74
CA LYS A 252 -1.51 27.46 -19.84
C LYS A 252 -1.02 26.06 -19.45
N SER A 253 0.15 25.64 -19.95
CA SER A 253 0.69 24.30 -19.67
C SER A 253 2.13 24.33 -19.15
N MET A 254 2.64 23.13 -18.78
CA MET A 254 3.99 22.93 -18.20
C MET A 254 4.58 21.62 -18.68
N GLU A 255 5.64 21.69 -19.46
CA GLU A 255 6.40 20.51 -19.80
C GLU A 255 7.35 20.27 -18.63
N ILE A 256 7.63 18.98 -18.38
CA ILE A 256 8.48 18.55 -17.29
C ILE A 256 9.26 17.33 -17.75
N GLU A 257 10.59 17.41 -17.75
CA GLU A 257 11.40 16.27 -18.15
C GLU A 257 11.65 15.44 -16.94
N VAL A 258 11.35 14.15 -17.04
CA VAL A 258 11.60 13.20 -15.97
C VAL A 258 12.58 12.18 -16.49
N LEU A 259 13.64 11.97 -15.70
CA LEU A 259 14.71 11.01 -16.04
C LEU A 259 14.73 10.02 -14.92
N VAL A 260 14.92 8.75 -15.29
CA VAL A 260 14.89 7.64 -14.34
C VAL A 260 16.19 6.83 -14.44
N ASP A 261 17.03 6.94 -13.43
CA ASP A 261 18.31 6.21 -13.35
C ASP A 261 18.25 5.04 -12.38
N ALA A 262 19.12 4.05 -12.58
CA ALA A 262 19.10 2.83 -11.77
C ALA A 262 20.50 2.49 -11.30
N ASP A 263 20.68 2.34 -9.98
CA ASP A 263 21.92 1.81 -9.41
C ASP A 263 21.61 0.45 -8.85
N PRO A 264 22.29 -0.59 -9.36
CA PRO A 264 22.35 -1.84 -8.59
C PRO A 264 23.42 -1.72 -7.51
N VAL A 265 22.99 -1.57 -6.26
CA VAL A 265 23.89 -1.39 -5.12
C VAL A 265 24.61 -2.68 -4.76
N VAL A 266 23.92 -3.80 -4.97
CA VAL A 266 24.48 -5.13 -4.66
C VAL A 266 25.78 -5.48 -5.42
N ASP A 267 25.84 -5.10 -6.70
CA ASP A 267 26.98 -5.44 -7.57
C ASP A 267 27.91 -4.23 -7.69
N ASN A 268 29.15 -4.38 -7.26
CA ASN A 268 30.16 -3.34 -7.48
C ASN A 268 30.35 -3.09 -9.00
N SER A 269 30.58 -4.19 -9.72
CA SER A 269 30.76 -4.18 -11.20
C SER A 269 29.47 -4.42 -12.04
N GLN A 270 28.39 -3.73 -11.68
CA GLN A 270 27.32 -3.38 -12.61
C GLN A 270 27.04 -1.90 -12.37
N LYS A 271 27.30 -1.08 -13.39
CA LYS A 271 27.35 0.37 -13.23
C LYS A 271 25.98 1.01 -13.50
N ARG A 272 25.74 2.18 -12.92
CA ARG A 272 24.50 2.92 -13.10
C ARG A 272 24.10 3.02 -14.56
N TYR A 273 22.79 3.04 -14.82
CA TYR A 273 22.26 3.24 -16.18
C TYR A 273 20.95 4.00 -16.21
N ARG A 274 20.69 4.58 -17.38
CA ARG A 274 19.46 5.28 -17.65
C ARG A 274 18.38 4.27 -18.03
N ALA A 275 17.38 4.09 -17.17
CA ALA A 275 16.32 3.09 -17.41
C ALA A 275 15.28 3.61 -18.37
N ALA A 276 14.96 4.89 -18.26
CA ALA A 276 13.91 5.47 -19.09
C ALA A 276 13.81 6.97 -18.91
N SER A 277 13.09 7.62 -19.81
CA SER A 277 12.95 9.07 -19.76
C SER A 277 11.69 9.50 -20.47
N ALA A 278 11.11 10.60 -20.02
CA ALA A 278 9.87 11.06 -20.62
C ALA A 278 9.60 12.54 -20.38
N PHE A 279 8.67 13.08 -21.17
CA PHE A 279 8.17 14.45 -20.94
C PHE A 279 6.70 14.40 -20.56
N PHE A 280 6.37 15.04 -19.46
CA PHE A 280 5.06 15.00 -18.86
C PHE A 280 4.53 16.40 -18.94
N THR A 281 3.32 16.57 -19.45
CA THR A 281 2.72 17.90 -19.46
C THR A 281 1.60 18.04 -18.43
N TYR A 282 1.60 19.18 -17.75
CA TYR A 282 0.78 19.35 -16.56
C TYR A 282 0.06 20.63 -16.68
N VAL A 283 -1.06 20.72 -15.96
CA VAL A 283 -2.01 21.82 -16.08
C VAL A 283 -2.37 22.35 -14.73
N SER A 284 -2.48 23.67 -14.59
CA SER A 284 -3.05 24.26 -13.36
C SER A 284 -4.57 24.31 -13.44
N LEU A 285 -5.26 24.38 -12.33
CA LEU A 285 -6.72 24.40 -12.40
C LEU A 285 -7.34 25.42 -11.45
N ASN A 286 -8.42 26.03 -11.93
CA ASN A 286 -9.13 27.10 -11.23
C ASN A 286 -9.90 26.47 -10.09
N GLN A 287 -9.87 27.05 -8.89
CA GLN A 287 -10.72 26.57 -7.78
C GLN A 287 -12.09 26.13 -8.30
N GLU A 288 -12.56 26.91 -9.27
CA GLU A 288 -13.78 26.66 -10.04
C GLU A 288 -13.72 25.46 -11.02
N GLY A 289 -12.52 24.97 -11.35
CA GLY A 289 -12.35 23.77 -12.20
C GLY A 289 -12.19 23.99 -13.70
N LYS A 290 -11.30 24.92 -14.05
CA LYS A 290 -10.92 25.29 -15.41
C LYS A 290 -9.40 25.54 -15.52
N PRO A 291 -8.69 25.07 -16.60
CA PRO A 291 -7.25 25.45 -16.74
C PRO A 291 -6.98 26.94 -16.77
N MET A 292 -5.96 27.37 -16.03
CA MET A 292 -5.72 28.78 -15.87
C MET A 292 -4.30 29.07 -16.38
N PRO A 293 -3.95 30.37 -16.46
CA PRO A 293 -2.63 30.70 -17.00
C PRO A 293 -1.56 30.33 -15.98
N VAL A 294 -0.39 29.99 -16.50
CA VAL A 294 0.72 29.44 -15.73
C VAL A 294 1.84 30.48 -15.63
N PRO A 295 2.40 30.67 -14.43
CA PRO A 295 3.64 31.44 -14.33
C PRO A 295 4.70 30.97 -15.33
N GLN A 296 5.33 31.90 -16.04
CA GLN A 296 6.26 31.51 -17.12
C GLN A 296 7.65 31.13 -16.61
N LEU A 297 8.15 30.04 -17.15
CA LEU A 297 9.47 29.55 -16.81
C LEU A 297 10.48 30.42 -17.51
N VAL A 298 11.54 30.81 -16.82
CA VAL A 298 12.56 31.67 -17.39
C VAL A 298 13.86 30.94 -17.42
N PRO A 299 14.23 30.38 -18.59
CA PRO A 299 15.53 29.71 -18.61
C PRO A 299 16.66 30.69 -18.35
N GLU A 300 17.83 30.19 -17.97
CA GLU A 300 18.99 31.06 -17.79
C GLU A 300 20.27 30.52 -18.44
N THR A 301 20.57 29.24 -18.28
CA THR A 301 21.81 28.69 -18.88
C THR A 301 21.65 28.41 -20.38
N GLU A 302 22.74 28.00 -21.01
CA GLU A 302 22.71 27.57 -22.41
C GLU A 302 21.70 26.45 -22.54
N ASP A 303 21.94 25.37 -21.79
CA ASP A 303 21.15 24.14 -21.89
C ASP A 303 19.69 24.38 -21.55
N GLU A 304 19.39 25.37 -20.72
CA GLU A 304 18.02 25.68 -20.33
C GLU A 304 17.18 26.24 -21.47
N LYS A 305 17.76 27.13 -22.25
CA LYS A 305 17.10 27.71 -23.42
C LYS A 305 17.01 26.70 -24.53
N LYS A 306 18.07 25.92 -24.72
CA LYS A 306 18.03 24.81 -25.68
C LYS A 306 16.83 23.93 -25.40
N ARG A 307 16.66 23.54 -24.14
CA ARG A 307 15.59 22.63 -23.77
C ARG A 307 14.25 23.32 -23.83
N PHE A 308 14.22 24.60 -23.48
CA PHE A 308 13.01 25.42 -23.64
C PHE A 308 12.58 25.51 -25.09
N GLU A 309 13.55 25.54 -25.98
CA GLU A 309 13.28 25.60 -27.39
C GLU A 309 12.87 24.22 -27.90
N GLU A 310 13.58 23.17 -27.51
CA GLU A 310 13.19 21.82 -27.92
C GLU A 310 11.79 21.58 -27.43
N GLY A 311 11.47 22.19 -26.28
CA GLY A 311 10.15 22.09 -25.66
C GLY A 311 9.01 22.81 -26.35
N LYS A 312 9.31 23.94 -26.99
CA LYS A 312 8.38 24.54 -27.91
C LYS A 312 8.20 23.57 -29.09
N GLY A 313 9.30 23.01 -29.57
CA GLY A 313 9.29 22.12 -30.73
C GLY A 313 8.46 20.86 -30.56
N ARG A 314 8.67 20.16 -29.46
CA ARG A 314 7.85 19.01 -29.11
C ARG A 314 6.36 19.36 -28.93
N TYR A 315 6.13 20.51 -28.30
CA TYR A 315 4.80 21.00 -27.96
C TYR A 315 3.96 21.29 -29.19
N LEU A 316 4.61 21.70 -30.29
CA LEU A 316 3.92 21.90 -31.57
C LEU A 316 3.42 20.57 -32.10
N GLN A 317 4.35 19.65 -32.36
CA GLN A 317 4.00 18.31 -32.82
C GLN A 317 3.49 17.47 -31.63
N VAL B 4 -2.64 -1.88 25.30
CA VAL B 4 -2.76 -2.06 23.88
C VAL B 4 -1.77 -3.13 23.45
N THR B 5 -2.05 -3.68 22.28
CA THR B 5 -1.39 -4.89 21.81
C THR B 5 -1.47 -5.08 20.29
N MET B 6 -0.74 -6.10 19.87
CA MET B 6 0.03 -6.19 18.66
C MET B 6 -0.28 -7.42 17.86
N GLY B 7 -0.58 -7.27 16.59
CA GLY B 7 -0.56 -8.42 15.72
C GLY B 7 -0.23 -7.96 14.35
N ARG B 8 0.86 -8.42 13.79
CA ARG B 8 1.07 -8.27 12.39
C ARG B 8 1.93 -9.41 12.07
N ILE B 9 1.78 -9.95 10.89
CA ILE B 9 2.68 -10.95 10.43
C ILE B 9 3.43 -10.23 9.35
N MET B 10 4.72 -10.40 9.34
CA MET B 10 5.52 -9.55 8.55
C MET B 10 5.52 -10.05 7.16
N ARG B 11 4.98 -9.25 6.27
CA ARG B 11 4.90 -9.63 4.89
C ARG B 11 6.22 -9.29 4.18
N PRO B 12 6.40 -9.74 2.92
CA PRO B 12 7.64 -9.43 2.19
C PRO B 12 7.86 -7.94 1.96
N ASP B 13 6.76 -7.19 1.90
CA ASP B 13 6.81 -5.72 1.78
C ASP B 13 7.27 -5.01 3.03
N ASP B 14 7.42 -5.75 4.11
CA ASP B 14 7.92 -5.17 5.32
C ASP B 14 9.41 -5.31 5.44
N ALA B 15 10.07 -5.81 4.41
CA ALA B 15 11.46 -6.24 4.56
C ALA B 15 12.25 -6.11 3.28
N ASN B 16 13.57 -6.03 3.42
CA ASN B 16 14.46 -5.95 2.27
C ASN B 16 14.48 -7.25 1.48
N VAL B 17 15.22 -7.30 0.37
CA VAL B 17 15.29 -8.51 -0.50
C VAL B 17 15.81 -9.73 0.23
N ALA B 18 16.64 -9.51 1.24
CA ALA B 18 17.17 -10.58 2.07
C ALA B 18 16.24 -10.91 3.24
N GLY B 19 15.08 -10.26 3.30
CA GLY B 19 14.03 -10.63 4.26
C GLY B 19 14.13 -10.09 5.67
N ASN B 20 15.13 -9.26 5.94
CA ASN B 20 15.15 -8.50 7.19
C ASN B 20 14.17 -7.34 7.16
N VAL B 21 13.21 -7.39 8.07
CA VAL B 21 12.23 -6.33 8.28
C VAL B 21 12.94 -4.98 8.40
N HIS B 22 12.33 -3.92 7.85
CA HIS B 22 12.87 -2.58 7.93
C HIS B 22 12.67 -1.99 9.32
N GLY B 23 13.65 -1.22 9.76
CA GLY B 23 13.57 -0.58 11.07
C GLY B 23 12.37 0.31 11.15
N GLY B 24 12.16 1.06 10.08
CA GLY B 24 11.01 1.94 9.94
C GLY B 24 9.70 1.19 10.05
N THR B 25 9.64 -0.02 9.50
CA THR B 25 8.45 -0.81 9.58
C THR B 25 8.05 -1.01 11.04
N ILE B 26 9.05 -1.29 11.88
CA ILE B 26 8.82 -1.45 13.31
C ILE B 26 8.54 -0.11 13.96
N LEU B 27 9.23 0.92 13.52
CA LEU B 27 9.01 2.24 14.10
C LEU B 27 7.57 2.71 13.93
N LYS B 28 7.01 2.44 12.75
CA LYS B 28 5.64 2.83 12.42
C LYS B 28 4.58 2.09 13.26
N MET B 29 4.84 0.82 13.56
CA MET B 29 3.96 0.03 14.43
C MET B 29 4.01 0.47 15.89
N ILE B 30 5.22 0.77 16.35
CA ILE B 30 5.43 1.27 17.70
C ILE B 30 4.60 2.53 17.87
N GLU B 31 4.64 3.40 16.88
CA GLU B 31 4.02 4.69 17.00
C GLU B 31 2.52 4.57 16.97
N GLU B 32 1.98 3.75 16.08
CA GLU B 32 0.51 3.56 16.03
C GLU B 32 -0.02 3.10 17.37
N ALA B 33 0.74 2.22 18.04
CA ALA B 33 0.40 1.72 19.38
C ALA B 33 0.38 2.87 20.38
N GLY B 34 1.51 3.57 20.49
CA GLY B 34 1.62 4.76 21.30
C GLY B 34 0.52 5.77 21.01
N ALA B 35 0.26 6.05 19.73
CA ALA B 35 -0.70 7.06 19.35
C ALA B 35 -2.11 6.73 19.81
N ILE B 36 -2.42 5.44 19.89
CA ILE B 36 -3.77 5.02 20.29
C ILE B 36 -3.93 5.16 21.78
N ILE B 37 -3.08 4.44 22.52
CA ILE B 37 -3.16 4.39 23.97
C ILE B 37 -3.18 5.81 24.55
N SER B 38 -2.40 6.71 23.97
CA SER B 38 -2.28 8.07 24.47
C SER B 38 -3.46 8.92 24.07
N THR B 39 -3.97 8.81 22.86
CA THR B 39 -5.17 9.60 22.49
C THR B 39 -6.40 9.11 23.23
N ARG B 40 -6.42 7.83 23.60
CA ARG B 40 -7.52 7.30 24.39
C ARG B 40 -7.51 7.99 25.74
N HIS B 41 -6.39 7.86 26.44
CA HIS B 41 -6.22 8.39 27.79
C HIS B 41 -6.33 9.93 27.89
N CYS B 42 -5.88 10.65 26.86
CA CYS B 42 -6.05 12.11 26.82
C CYS B 42 -7.52 12.52 26.62
N ASN B 43 -8.41 11.55 26.44
CA ASN B 43 -9.83 11.85 26.40
C ASN B 43 -10.61 11.09 27.50
N SER B 44 -9.89 10.48 28.45
CA SER B 44 -10.51 9.63 29.46
C SER B 44 -11.23 10.43 30.56
N GLN B 45 -10.73 11.63 30.87
CA GLN B 45 -11.40 12.53 31.83
C GLN B 45 -12.40 13.46 31.15
N ASN B 46 -12.53 13.33 29.84
CA ASN B 46 -13.64 13.89 29.06
C ASN B 46 -13.63 15.41 28.98
N GLY B 47 -12.45 15.99 28.84
CA GLY B 47 -12.31 17.42 28.60
C GLY B 47 -12.66 17.76 27.17
N GLU B 48 -11.95 18.74 26.61
CA GLU B 48 -12.08 19.13 25.20
C GLU B 48 -11.45 18.06 24.34
N ARG B 49 -12.00 17.84 23.15
CA ARG B 49 -11.55 16.70 22.32
C ARG B 49 -10.20 16.96 21.65
N CYS B 50 -9.30 15.99 21.77
CA CYS B 50 -7.89 16.15 21.37
C CYS B 50 -7.38 14.95 20.57
N VAL B 51 -6.17 15.10 20.03
CA VAL B 51 -5.43 13.98 19.44
C VAL B 51 -3.99 14.03 19.87
N ALA B 52 -3.50 12.91 20.42
CA ALA B 52 -2.08 12.79 20.75
C ALA B 52 -1.22 12.90 19.48
N ALA B 53 -0.19 13.73 19.54
CA ALA B 53 0.76 13.89 18.46
C ALA B 53 2.15 13.53 19.00
N LEU B 54 2.88 12.74 18.24
CA LEU B 54 4.20 12.27 18.67
C LEU B 54 5.15 13.44 18.74
N ALA B 55 5.74 13.66 19.92
CA ALA B 55 6.65 14.77 20.17
C ALA B 55 8.08 14.29 20.32
N ARG B 56 8.28 13.18 21.01
CA ARG B 56 9.63 12.70 21.19
C ARG B 56 9.70 11.20 21.18
N VAL B 57 10.84 10.70 20.74
CA VAL B 57 11.15 9.29 20.76
C VAL B 57 12.55 9.13 21.36
N GLU B 58 12.73 8.20 22.29
CA GLU B 58 14.04 8.02 22.90
C GLU B 58 14.92 7.14 22.05
N ARG B 59 16.22 7.20 22.31
CA ARG B 59 17.18 6.28 21.69
C ARG B 59 16.56 4.91 21.73
N THR B 60 16.89 4.09 20.75
CA THR B 60 16.31 2.76 20.67
C THR B 60 17.19 1.85 19.79
N ASP B 61 17.46 0.64 20.28
CA ASP B 61 18.36 -0.30 19.59
C ASP B 61 17.66 -1.59 19.23
N PHE B 62 18.02 -2.09 18.06
CA PHE B 62 17.35 -3.22 17.47
C PHE B 62 18.18 -4.40 17.86
N LEU B 63 17.62 -5.25 18.70
CA LEU B 63 18.39 -6.24 19.41
C LEU B 63 18.57 -7.46 18.55
N SER B 64 17.46 -8.08 18.15
CA SER B 64 17.50 -9.22 17.25
C SER B 64 16.87 -8.80 15.95
N PRO B 65 17.28 -9.42 14.82
CA PRO B 65 16.56 -9.13 13.59
C PRO B 65 15.18 -9.79 13.56
N MET B 66 14.28 -9.23 12.75
CA MET B 66 12.97 -9.80 12.54
C MET B 66 12.93 -10.17 11.08
N CYS B 67 12.25 -11.28 10.76
CA CYS B 67 12.22 -11.78 9.39
C CYS B 67 10.81 -11.94 8.84
N ILE B 68 10.72 -11.93 7.52
CA ILE B 68 9.49 -12.26 6.84
C ILE B 68 8.84 -13.51 7.48
N GLY B 69 7.53 -13.45 7.75
CA GLY B 69 6.81 -14.62 8.26
C GLY B 69 6.69 -14.65 9.77
N GLU B 70 7.56 -13.91 10.44
CA GLU B 70 7.48 -13.83 11.89
C GLU B 70 6.34 -12.89 12.28
N VAL B 71 5.70 -13.14 13.40
CA VAL B 71 4.73 -12.18 13.91
C VAL B 71 5.41 -11.18 14.82
N ALA B 72 5.19 -9.89 14.55
CA ALA B 72 5.67 -8.87 15.47
C ALA B 72 4.60 -8.61 16.49
N HIS B 73 4.96 -8.70 17.77
CA HIS B 73 4.06 -8.37 18.88
C HIS B 73 4.46 -7.07 19.50
N VAL B 74 3.50 -6.16 19.63
CA VAL B 74 3.77 -4.82 20.10
C VAL B 74 2.89 -4.59 21.31
N SER B 75 3.48 -4.55 22.49
CA SER B 75 2.77 -4.11 23.71
C SER B 75 3.21 -2.71 24.11
N ALA B 76 2.24 -1.87 24.46
CA ALA B 76 2.49 -0.46 24.72
C ALA B 76 1.74 0.01 25.95
N GLU B 77 2.48 0.39 26.99
CA GLU B 77 1.95 0.80 28.28
C GLU B 77 2.28 2.29 28.51
N ILE B 78 1.39 3.02 29.20
CA ILE B 78 1.70 4.37 29.68
C ILE B 78 2.51 4.27 30.96
N THR B 79 3.63 4.97 31.02
CA THR B 79 4.54 4.87 32.17
C THR B 79 4.56 6.13 33.07
N TYR B 80 4.05 7.26 32.57
CA TYR B 80 4.09 8.52 33.32
C TYR B 80 3.19 9.55 32.63
N THR B 81 2.80 10.59 33.35
CA THR B 81 2.34 11.83 32.70
C THR B 81 2.89 13.08 33.38
N SER B 82 3.09 14.10 32.58
CA SER B 82 3.34 15.43 33.08
C SER B 82 2.06 16.26 32.90
N LYS B 83 2.16 17.57 33.04
CA LYS B 83 1.02 18.44 32.88
C LYS B 83 0.49 18.35 31.46
N HIS B 84 1.40 18.37 30.49
CA HIS B 84 1.04 18.41 29.06
C HIS B 84 1.57 17.22 28.22
N SER B 85 2.40 16.34 28.79
CA SER B 85 3.01 15.24 28.01
C SER B 85 2.60 13.85 28.56
N VAL B 86 2.74 12.80 27.73
CA VAL B 86 2.50 11.44 28.14
C VAL B 86 3.66 10.55 27.80
N GLU B 87 4.28 9.94 28.79
CA GLU B 87 5.30 8.92 28.52
C GLU B 87 4.59 7.63 28.12
N VAL B 88 5.16 6.89 27.16
CA VAL B 88 4.67 5.57 26.77
C VAL B 88 5.85 4.66 26.51
N GLN B 89 5.90 3.51 27.16
CA GLN B 89 6.96 2.56 26.84
C GLN B 89 6.36 1.50 25.98
N VAL B 90 7.15 0.96 25.05
CA VAL B 90 6.66 -0.07 24.13
C VAL B 90 7.66 -1.22 24.01
N HIS B 91 7.17 -2.45 24.09
CA HIS B 91 8.00 -3.62 23.85
C HIS B 91 7.58 -4.24 22.52
N VAL B 92 8.56 -4.70 21.76
CA VAL B 92 8.34 -5.33 20.47
C VAL B 92 9.11 -6.61 20.48
N MET B 93 8.38 -7.69 20.28
CA MET B 93 8.88 -9.02 20.43
C MET B 93 8.55 -9.77 19.14
N SER B 94 9.51 -10.54 18.62
CA SER B 94 9.23 -11.33 17.42
C SER B 94 8.96 -12.79 17.79
N GLU B 95 7.77 -13.29 17.44
CA GLU B 95 7.46 -14.71 17.51
C GLU B 95 7.64 -15.33 16.13
N ASN B 96 8.43 -16.39 16.05
CA ASN B 96 8.39 -17.28 14.90
C ASN B 96 7.34 -18.33 15.19
N ILE B 97 6.38 -18.50 14.30
CA ILE B 97 5.25 -19.42 14.57
C ILE B 97 5.38 -20.80 13.94
N LEU B 98 6.51 -21.06 13.29
CA LEU B 98 6.84 -22.42 12.88
C LEU B 98 7.64 -23.10 13.99
N THR B 99 8.64 -22.40 14.52
CA THR B 99 9.55 -22.98 15.52
C THR B 99 9.16 -22.67 16.97
N GLY B 100 8.11 -21.89 17.19
CA GLY B 100 7.73 -21.50 18.53
C GLY B 100 8.60 -20.42 19.16
N THR B 101 9.84 -20.28 18.68
CA THR B 101 10.82 -19.29 19.20
C THR B 101 10.29 -17.86 19.42
N LYS B 102 10.77 -17.21 20.48
CA LYS B 102 10.53 -15.77 20.67
C LYS B 102 11.83 -15.02 21.00
N LYS B 103 11.89 -13.76 20.59
CA LYS B 103 13.02 -12.88 20.89
C LYS B 103 12.43 -11.51 21.19
N LEU B 104 13.12 -10.73 22.00
CA LEU B 104 12.79 -9.33 22.17
C LEU B 104 13.58 -8.57 21.12
N THR B 105 12.87 -7.80 20.31
CA THR B 105 13.47 -7.06 19.24
C THR B 105 13.81 -5.68 19.74
N ASN B 106 12.97 -5.16 20.62
CA ASN B 106 12.96 -3.74 20.78
C ASN B 106 12.18 -3.29 22.03
N LYS B 107 12.83 -2.52 22.90
CA LYS B 107 12.10 -1.66 23.85
C LYS B 107 12.11 -0.28 23.25
N ALA B 108 11.16 0.56 23.63
CA ALA B 108 11.09 1.92 23.10
C ALA B 108 10.26 2.81 23.99
N THR B 109 10.63 4.08 24.08
CA THR B 109 9.92 5.07 24.93
C THR B 109 9.49 6.27 24.10
N LEU B 110 8.26 6.73 24.28
CA LEU B 110 7.72 7.77 23.41
C LEU B 110 7.04 8.84 24.22
N TRP B 111 7.01 10.05 23.68
CA TRP B 111 6.37 11.19 24.34
C TRP B 111 5.34 11.79 23.41
N TYR B 112 4.10 11.82 23.87
CA TYR B 112 2.97 12.28 23.06
C TYR B 112 2.39 13.51 23.71
N VAL B 113 1.70 14.32 22.92
CA VAL B 113 1.13 15.59 23.41
C VAL B 113 -0.22 15.93 22.78
N PRO B 114 -1.25 16.05 23.60
CA PRO B 114 -2.58 16.26 23.05
C PRO B 114 -2.75 17.63 22.44
N LEU B 115 -3.29 17.68 21.23
CA LEU B 115 -3.62 18.92 20.53
C LEU B 115 -5.11 18.97 20.27
N SER B 116 -5.73 20.10 20.58
CA SER B 116 -7.17 20.27 20.43
C SER B 116 -7.58 20.03 18.98
N LEU B 117 -8.67 19.30 18.79
CA LEU B 117 -9.18 18.99 17.45
C LEU B 117 -9.91 20.21 16.91
N LYS B 118 -10.51 20.99 17.80
CA LYS B 118 -11.19 22.23 17.43
C LYS B 118 -10.14 23.32 17.15
N ASN B 119 -9.37 23.67 18.18
CA ASN B 119 -8.30 24.65 18.06
C ASN B 119 -7.01 24.00 17.62
N VAL B 120 -6.70 24.13 16.35
CA VAL B 120 -5.43 23.65 15.84
C VAL B 120 -4.32 24.34 16.64
N ASP B 121 -3.27 23.59 16.97
CA ASP B 121 -2.07 24.12 17.64
C ASP B 121 -2.24 24.44 19.12
N LYS B 122 -3.34 24.04 19.74
CA LYS B 122 -3.58 24.33 21.15
C LYS B 122 -3.24 23.13 22.04
N VAL B 123 -2.13 23.20 22.75
CA VAL B 123 -1.76 22.13 23.68
C VAL B 123 -2.76 22.07 24.84
N LEU B 124 -2.97 20.86 25.37
CA LEU B 124 -3.92 20.62 26.46
C LEU B 124 -3.26 19.88 27.60
N GLU B 125 -4.06 19.59 28.63
CA GLU B 125 -3.54 18.99 29.86
C GLU B 125 -3.82 17.51 29.93
N VAL B 126 -2.81 16.77 30.36
CA VAL B 126 -2.82 15.33 30.40
C VAL B 126 -3.24 14.87 31.79
N PRO B 127 -4.40 14.19 31.88
CA PRO B 127 -4.92 13.59 33.11
C PRO B 127 -3.90 12.78 33.90
N PRO B 128 -4.08 12.67 35.23
CA PRO B 128 -3.09 11.89 35.95
C PRO B 128 -3.35 10.41 35.80
N ILE B 129 -2.29 9.63 35.92
CA ILE B 129 -2.42 8.18 35.90
C ILE B 129 -2.22 7.66 37.31
N VAL B 130 -2.82 6.51 37.59
CA VAL B 130 -2.66 5.86 38.89
C VAL B 130 -1.51 4.85 38.86
N TYR B 131 -0.52 5.09 39.71
CA TYR B 131 0.66 4.23 39.77
C TYR B 131 0.42 3.20 40.86
N LEU B 132 1.42 2.36 41.10
CA LEU B 132 1.37 1.39 42.18
C LEU B 132 2.32 1.80 43.30
N ARG B 133 3.52 2.25 42.93
CA ARG B 133 4.51 2.78 43.88
C ARG B 133 4.93 4.20 43.50
N GLN B 134 5.53 4.91 44.46
CA GLN B 134 6.08 6.24 44.20
C GLN B 134 7.31 6.14 43.29
N GLU B 135 8.15 5.14 43.52
CA GLU B 135 9.40 4.97 42.76
C GLU B 135 9.17 5.01 41.25
N GLN B 136 8.00 4.55 40.82
CA GLN B 136 7.60 4.65 39.43
C GLN B 136 7.47 6.09 39.01
N GLU B 137 6.66 6.85 39.76
CA GLU B 137 6.48 8.28 39.49
C GLU B 137 7.78 9.08 39.50
N GLU B 138 8.64 8.82 40.49
CA GLU B 138 9.95 9.45 40.56
C GLU B 138 10.80 9.09 39.33
N GLU B 139 10.92 7.80 39.06
CA GLU B 139 11.68 7.34 37.90
C GLU B 139 11.12 7.97 36.64
N GLY B 140 9.81 8.10 36.59
CA GLY B 140 9.15 8.83 35.51
C GLY B 140 9.54 10.30 35.50
N ARG B 141 9.45 10.96 36.65
CA ARG B 141 9.86 12.38 36.78
C ARG B 141 11.34 12.62 36.46
N LYS B 142 12.23 11.75 36.93
CA LYS B 142 13.65 11.89 36.62
C LYS B 142 13.89 11.76 35.12
N ARG B 143 13.22 10.79 34.49
CA ARG B 143 13.30 10.63 33.05
C ARG B 143 12.59 11.77 32.31
N TYR B 144 11.49 12.23 32.90
CA TYR B 144 10.78 13.40 32.40
C TYR B 144 11.61 14.67 32.50
N GLU B 145 12.53 14.72 33.46
CA GLU B 145 13.46 15.83 33.54
C GLU B 145 14.61 15.62 32.57
N ALA B 146 15.23 14.44 32.62
CA ALA B 146 16.37 14.12 31.74
C ALA B 146 16.12 14.42 30.27
N GLN B 147 14.89 14.19 29.77
CA GLN B 147 14.51 14.61 28.41
C GLN B 147 14.36 16.13 28.30
N LYS B 148 13.68 16.70 29.28
CA LYS B 148 13.28 18.11 29.30
C LYS B 148 14.48 19.04 29.42
N LEU B 149 15.58 18.50 29.96
CA LEU B 149 16.85 19.19 30.04
C LEU B 149 17.55 19.13 28.69
N GLU B 150 17.80 17.92 28.20
CA GLU B 150 18.49 17.71 26.94
C GLU B 150 17.89 18.56 25.81
N ARG B 151 16.63 18.99 25.98
CA ARG B 151 15.98 19.87 25.01
C ARG B 151 16.26 21.37 25.19
N MET B 152 17.15 21.71 26.13
CA MET B 152 17.77 23.05 26.21
C MET B 152 19.29 22.94 25.96
N GLU B 153 19.83 21.75 26.25
CA GLU B 153 20.91 21.12 25.46
C GLU B 153 22.03 20.59 26.35
N PRO B 168 32.41 12.34 -7.95
CA PRO B 168 31.94 11.90 -6.62
C PRO B 168 32.59 10.58 -6.13
N GLU B 169 33.52 10.72 -5.19
CA GLU B 169 34.44 9.65 -4.80
C GLU B 169 33.81 8.56 -3.92
N PRO B 170 34.00 7.26 -4.28
CA PRO B 170 33.46 6.19 -3.40
C PRO B 170 33.94 6.32 -1.94
N ASN B 171 33.13 5.83 -1.02
CA ASN B 171 33.37 5.99 0.40
C ASN B 171 33.49 7.43 0.88
N THR B 172 33.08 8.40 0.06
CA THR B 172 32.95 9.79 0.50
C THR B 172 31.46 10.13 0.79
N VAL B 173 31.19 11.19 1.57
CA VAL B 173 29.80 11.47 2.01
C VAL B 173 28.84 11.79 0.86
N SER B 174 29.36 12.44 -0.18
CA SER B 174 28.57 12.81 -1.38
C SER B 174 28.23 11.62 -2.28
N TYR B 175 29.06 10.61 -2.26
CA TYR B 175 28.80 9.40 -3.02
C TYR B 175 27.49 8.75 -2.57
N SER B 176 27.26 8.65 -1.26
CA SER B 176 26.09 7.98 -0.72
C SER B 176 24.93 8.92 -0.39
N GLN B 177 25.19 10.22 -0.38
CA GLN B 177 24.17 11.22 -0.05
C GLN B 177 22.95 10.93 -0.88
N SER B 178 21.78 11.06 -0.26
CA SER B 178 20.50 10.69 -0.85
C SER B 178 19.40 11.55 -0.29
N SER B 179 18.41 11.86 -1.13
CA SER B 179 17.19 12.49 -0.66
C SER B 179 15.94 11.90 -1.32
N LEU B 180 14.81 12.10 -0.68
CA LEU B 180 13.53 11.54 -1.06
C LEU B 180 12.46 12.60 -0.82
N ILE B 181 11.46 12.61 -1.68
CA ILE B 181 10.46 13.65 -1.67
C ILE B 181 9.11 12.99 -1.70
N HIS B 182 8.23 13.42 -0.80
CA HIS B 182 6.95 12.77 -0.63
C HIS B 182 5.82 13.76 -0.45
N LEU B 183 4.82 13.64 -1.31
CA LEU B 183 3.61 14.42 -1.16
C LEU B 183 2.73 13.74 -0.14
N VAL B 184 2.36 14.48 0.90
CA VAL B 184 1.58 13.94 2.00
C VAL B 184 0.14 13.69 1.60
N GLY B 185 -0.24 12.43 1.56
CA GLY B 185 -1.59 12.04 1.19
C GLY B 185 -2.45 11.86 2.42
N PRO B 186 -3.75 11.59 2.21
CA PRO B 186 -4.70 11.48 3.31
C PRO B 186 -4.47 10.34 4.27
N SER B 187 -4.07 9.18 3.78
CA SER B 187 -3.83 8.06 4.69
C SER B 187 -2.47 8.16 5.43
N ASP B 188 -1.62 9.12 5.04
CA ASP B 188 -0.43 9.49 5.82
C ASP B 188 -0.82 10.24 7.05
N CYS B 189 -1.96 10.86 7.01
CA CYS B 189 -2.35 11.79 8.02
C CYS B 189 -3.24 11.29 9.08
N THR B 190 -3.25 12.07 10.13
CA THR B 190 -4.13 11.89 11.23
C THR B 190 -5.47 12.29 10.68
N LEU B 191 -6.52 12.05 11.44
CA LEU B 191 -7.87 12.26 10.97
C LEU B 191 -8.00 13.70 10.61
N HIS B 192 -7.11 14.48 11.20
CA HIS B 192 -6.96 15.90 10.89
C HIS B 192 -5.82 16.05 9.90
N GLY B 193 -5.59 17.26 9.42
CA GLY B 193 -4.65 17.46 8.35
C GLY B 193 -3.25 16.90 8.52
N PHE B 194 -2.89 16.38 9.69
CA PHE B 194 -1.47 16.24 10.06
C PHE B 194 -0.92 14.82 10.01
N VAL B 195 0.39 14.75 9.87
CA VAL B 195 1.08 13.52 9.58
C VAL B 195 1.35 12.72 10.86
N HIS B 196 1.40 11.41 10.72
CA HIS B 196 1.77 10.53 11.84
C HIS B 196 3.25 10.53 12.08
N GLY B 197 3.62 10.27 13.32
CA GLY B 197 5.01 10.16 13.67
C GLY B 197 5.64 8.99 12.99
N GLY B 198 4.86 7.93 12.86
CA GLY B 198 5.30 6.70 12.21
C GLY B 198 5.54 6.85 10.73
N VAL B 199 4.67 7.60 10.07
CA VAL B 199 4.85 7.88 8.65
C VAL B 199 6.21 8.56 8.44
N THR B 200 6.50 9.55 9.26
CA THR B 200 7.76 10.23 9.19
C THR B 200 8.93 9.29 9.48
N MET B 201 8.86 8.61 10.60
CA MET B 201 9.94 7.73 11.01
C MET B 201 10.18 6.68 9.94
N LYS B 202 9.13 6.21 9.29
CA LYS B 202 9.32 5.22 8.26
C LYS B 202 10.04 5.77 7.04
N LEU B 203 9.70 6.98 6.66
CA LEU B 203 10.36 7.60 5.53
C LEU B 203 11.84 7.92 5.82
N MET B 204 12.14 8.25 7.07
CA MET B 204 13.50 8.55 7.46
C MET B 204 14.37 7.32 7.28
N ASP B 205 13.91 6.19 7.83
CA ASP B 205 14.57 4.90 7.65
C ASP B 205 14.71 4.54 6.18
N GLU B 206 13.69 4.78 5.37
CA GLU B 206 13.82 4.50 3.93
C GLU B 206 15.05 5.22 3.38
N VAL B 207 15.27 6.46 3.79
CA VAL B 207 16.36 7.25 3.23
C VAL B 207 17.69 6.83 3.79
N ALA B 208 17.80 6.82 5.12
CA ALA B 208 19.01 6.40 5.76
C ALA B 208 19.38 5.02 5.28
N GLY B 209 18.40 4.13 5.21
CA GLY B 209 18.59 2.81 4.62
C GLY B 209 19.27 2.87 3.27
N ILE B 210 18.81 3.74 2.39
CA ILE B 210 19.42 3.86 1.07
C ILE B 210 20.84 4.40 1.17
N VAL B 211 21.01 5.47 1.91
CA VAL B 211 22.35 6.03 2.14
C VAL B 211 23.29 4.90 2.55
N ALA B 212 22.90 4.15 3.57
CA ALA B 212 23.69 3.03 4.06
C ALA B 212 24.02 2.06 2.95
N ALA B 213 23.02 1.64 2.19
CA ALA B 213 23.21 0.61 1.16
C ALA B 213 24.12 1.07 0.04
N ARG B 214 23.95 2.31 -0.39
CA ARG B 214 24.80 2.94 -1.41
C ARG B 214 26.27 2.82 -1.07
N HIS B 215 26.57 3.05 0.21
CA HIS B 215 27.91 3.03 0.76
C HIS B 215 28.45 1.62 0.89
N CYS B 216 27.80 0.79 1.70
CA CYS B 216 28.23 -0.59 1.96
C CYS B 216 28.34 -1.43 0.72
N LYS B 217 27.44 -1.19 -0.22
CA LYS B 217 27.26 -2.01 -1.41
C LYS B 217 26.86 -3.44 -1.03
N THR B 218 26.12 -3.58 0.07
CA THR B 218 25.64 -4.87 0.56
C THR B 218 24.31 -4.77 1.35
N ASN B 219 23.86 -5.89 1.91
CA ASN B 219 22.65 -5.93 2.75
C ASN B 219 22.89 -5.09 4.00
N ILE B 220 21.81 -4.56 4.57
CA ILE B 220 21.89 -3.61 5.66
C ILE B 220 20.62 -3.58 6.53
N VAL B 221 20.76 -3.21 7.79
CA VAL B 221 19.63 -3.17 8.72
C VAL B 221 19.83 -2.13 9.78
N THR B 222 18.72 -1.66 10.33
CA THR B 222 18.76 -0.56 11.25
C THR B 222 19.24 -1.16 12.55
N ALA B 223 20.36 -0.69 13.06
CA ALA B 223 20.86 -1.20 14.33
C ALA B 223 20.35 -0.37 15.45
N SER B 224 20.23 0.93 15.23
CA SER B 224 19.78 1.85 16.27
C SER B 224 19.36 3.20 15.72
N VAL B 225 18.62 3.92 16.56
CA VAL B 225 18.13 5.23 16.22
C VAL B 225 18.27 6.07 17.46
N ASP B 226 18.55 7.34 17.25
CA ASP B 226 18.91 8.26 18.30
C ASP B 226 17.68 9.08 18.55
N ALA B 227 17.57 9.60 19.75
CA ALA B 227 16.42 10.38 20.12
C ALA B 227 16.02 11.34 19.00
N ILE B 228 14.72 11.43 18.76
CA ILE B 228 14.13 12.35 17.81
C ILE B 228 13.21 13.29 18.55
N ASN B 229 13.12 14.52 18.09
CA ASN B 229 12.18 15.48 18.60
C ASN B 229 11.39 15.98 17.44
N PHE B 230 10.09 16.13 17.64
CA PHE B 230 9.21 16.58 16.56
C PHE B 230 8.78 18.00 16.78
N HIS B 231 9.45 18.89 16.06
CA HIS B 231 9.41 20.33 16.27
C HIS B 231 8.01 20.83 15.93
N ASP B 232 7.63 20.63 14.67
CA ASP B 232 6.41 21.22 14.14
C ASP B 232 5.58 20.15 13.36
N LYS B 233 4.29 20.45 13.14
CA LYS B 233 3.38 19.59 12.39
C LYS B 233 3.65 19.73 10.91
N ILE B 234 3.14 18.76 10.16
CA ILE B 234 3.10 18.83 8.70
C ILE B 234 1.68 18.54 8.24
N ARG B 235 1.15 19.34 7.33
CA ARG B 235 -0.25 19.20 6.91
C ARG B 235 -0.37 18.42 5.63
N LYS B 236 -1.53 17.79 5.44
CA LYS B 236 -1.92 17.17 4.18
C LYS B 236 -1.55 18.09 3.08
N GLY B 237 -1.07 17.56 1.97
CA GLY B 237 -0.71 18.41 0.85
C GLY B 237 0.66 19.05 0.91
N CYS B 238 1.29 19.10 2.07
CA CYS B 238 2.69 19.47 2.12
C CYS B 238 3.47 18.43 1.36
N VAL B 239 4.44 18.87 0.59
CA VAL B 239 5.43 17.99 0.06
C VAL B 239 6.60 18.05 1.00
N ILE B 240 7.04 16.90 1.51
CA ILE B 240 8.17 16.87 2.42
C ILE B 240 9.36 16.25 1.76
N THR B 241 10.53 16.78 2.06
CA THR B 241 11.79 16.29 1.52
C THR B 241 12.66 15.70 2.63
N ILE B 242 13.02 14.44 2.50
CA ILE B 242 13.89 13.81 3.48
C ILE B 242 15.25 13.61 2.86
N SER B 243 16.25 14.33 3.35
CA SER B 243 17.61 14.22 2.84
C SER B 243 18.44 13.56 3.90
N GLY B 244 19.29 12.65 3.48
CA GLY B 244 20.11 11.86 4.39
C GLY B 244 21.53 11.79 3.89
N ARG B 245 22.49 11.88 4.82
CA ARG B 245 23.92 11.82 4.49
C ARG B 245 24.72 11.22 5.65
N MET B 246 25.79 10.50 5.31
CA MET B 246 26.64 9.84 6.32
C MET B 246 27.38 10.85 7.18
N THR B 247 27.62 10.50 8.43
CA THR B 247 28.44 11.34 9.30
C THR B 247 29.67 10.58 9.79
N PHE B 248 29.45 9.44 10.42
CA PHE B 248 30.52 8.69 11.07
C PHE B 248 30.52 7.22 10.65
N THR B 249 31.68 6.58 10.71
CA THR B 249 31.74 5.12 10.64
C THR B 249 32.70 4.56 11.68
N SER B 250 32.18 3.62 12.47
CA SER B 250 33.00 2.75 13.27
C SER B 250 33.44 1.67 12.31
N ASN B 251 34.16 0.68 12.82
CA ASN B 251 34.64 -0.41 11.97
C ASN B 251 33.44 -1.18 11.40
N LYS B 252 32.44 -1.44 12.23
CA LYS B 252 31.31 -2.29 11.85
C LYS B 252 29.93 -1.60 11.73
N SER B 253 29.86 -0.29 11.96
CA SER B 253 28.59 0.46 11.91
C SER B 253 28.66 1.72 11.00
N MET B 254 27.50 2.39 10.83
CA MET B 254 27.32 3.59 9.98
C MET B 254 26.32 4.54 10.58
N GLU B 255 26.78 5.73 10.95
CA GLU B 255 25.88 6.79 11.39
C GLU B 255 25.45 7.51 10.13
N ILE B 256 24.21 8.00 10.16
CA ILE B 256 23.57 8.63 9.00
C ILE B 256 22.65 9.74 9.53
N GLU B 257 22.91 10.98 9.14
CA GLU B 257 22.07 12.10 9.57
C GLU B 257 20.94 12.23 8.58
N VAL B 258 19.72 12.25 9.09
CA VAL B 258 18.54 12.42 8.27
C VAL B 258 17.90 13.71 8.70
N LEU B 259 17.59 14.56 7.71
CA LEU B 259 16.93 15.84 7.92
C LEU B 259 15.63 15.79 7.16
N VAL B 260 14.57 16.33 7.75
CA VAL B 260 13.21 16.31 7.17
C VAL B 260 12.64 17.73 7.05
N ASP B 261 12.52 18.22 5.82
CA ASP B 261 11.97 19.55 5.54
C ASP B 261 10.53 19.47 5.00
N ALA B 262 9.77 20.55 5.15
CA ALA B 262 8.38 20.60 4.67
C ALA B 262 8.08 21.85 3.89
N ASP B 263 7.57 21.71 2.66
CA ASP B 263 7.08 22.84 1.87
C ASP B 263 5.59 22.73 1.80
N PRO B 264 4.88 23.75 2.31
CA PRO B 264 3.49 23.89 1.93
C PRO B 264 3.40 24.58 0.57
N VAL B 265 3.08 23.80 -0.46
CA VAL B 265 2.99 24.30 -1.85
C VAL B 265 1.73 25.15 -2.05
N VAL B 266 0.67 24.81 -1.33
CA VAL B 266 -0.62 25.52 -1.43
C VAL B 266 -0.53 27.02 -1.08
N ASP B 267 0.25 27.37 -0.05
CA ASP B 267 0.36 28.76 0.45
C ASP B 267 1.63 29.45 -0.01
N ASN B 268 1.48 30.60 -0.67
CA ASN B 268 2.60 31.48 -1.04
C ASN B 268 3.33 32.07 0.19
N SER B 269 2.57 32.32 1.26
CA SER B 269 3.05 33.08 2.42
C SER B 269 3.45 32.19 3.57
N GLN B 270 3.44 30.87 3.38
CA GLN B 270 3.97 29.96 4.40
C GLN B 270 5.23 29.27 3.87
N LYS B 271 6.36 29.60 4.48
CA LYS B 271 7.66 29.27 3.93
C LYS B 271 8.16 27.93 4.49
N ARG B 272 9.06 27.28 3.74
CA ARG B 272 9.64 26.00 4.13
C ARG B 272 10.16 25.97 5.55
N TYR B 273 10.10 24.79 6.18
CA TYR B 273 10.62 24.62 7.54
C TYR B 273 11.16 23.24 7.82
N ARG B 274 12.02 23.18 8.81
CA ARG B 274 12.60 21.96 9.28
C ARG B 274 11.61 21.30 10.23
N ALA B 275 11.04 20.17 9.81
CA ALA B 275 10.07 19.45 10.62
C ALA B 275 10.75 18.62 11.70
N ALA B 276 11.89 18.01 11.39
CA ALA B 276 12.55 17.09 12.32
C ALA B 276 13.87 16.62 11.80
N SER B 277 14.64 16.00 12.69
CA SER B 277 15.99 15.53 12.32
C SER B 277 16.44 14.42 13.25
N ALA B 278 17.28 13.53 12.76
CA ALA B 278 17.74 12.40 13.56
C ALA B 278 19.02 11.76 13.06
N PHE B 279 19.64 10.95 13.91
CA PHE B 279 20.78 10.11 13.49
C PHE B 279 20.40 8.64 13.58
N PHE B 280 20.61 7.93 12.49
CA PHE B 280 20.24 6.54 12.35
C PHE B 280 21.50 5.74 12.20
N THR B 281 21.66 4.68 12.98
CA THR B 281 22.82 3.81 12.79
C THR B 281 22.45 2.46 12.11
N TYR B 282 23.29 2.05 11.18
CA TYR B 282 22.99 0.95 10.30
C TYR B 282 24.14 0.00 10.28
N VAL B 283 23.85 -1.25 9.94
CA VAL B 283 24.78 -2.35 10.04
C VAL B 283 24.79 -3.14 8.74
N SER B 284 25.96 -3.57 8.29
CA SER B 284 26.04 -4.50 7.15
C SER B 284 25.88 -5.93 7.64
N LEU B 285 25.49 -6.86 6.79
CA LEU B 285 25.31 -8.25 7.27
C LEU B 285 25.87 -9.31 6.31
N ASN B 286 26.41 -10.36 6.92
CA ASN B 286 27.06 -11.49 6.29
C ASN B 286 26.01 -12.25 5.54
N GLN B 287 26.31 -12.68 4.31
CA GLN B 287 25.41 -13.59 3.59
C GLN B 287 24.87 -14.69 4.52
N GLU B 288 25.73 -15.12 5.43
CA GLU B 288 25.44 -16.05 6.54
C GLU B 288 24.64 -15.45 7.73
N GLY B 289 24.56 -14.13 7.85
CA GLY B 289 23.80 -13.44 8.91
C GLY B 289 24.56 -13.00 10.16
N LYS B 290 25.68 -12.30 9.96
CA LYS B 290 26.51 -11.67 11.03
C LYS B 290 27.01 -10.30 10.60
N PRO B 291 27.05 -9.28 11.50
CA PRO B 291 27.65 -7.97 11.09
C PRO B 291 29.10 -8.05 10.61
N MET B 292 29.39 -7.36 9.51
CA MET B 292 30.69 -7.41 8.86
C MET B 292 31.36 -6.05 9.01
N PRO B 293 32.68 -5.99 8.68
CA PRO B 293 33.32 -4.69 8.70
C PRO B 293 32.80 -3.82 7.55
N VAL B 294 32.81 -2.51 7.79
CA VAL B 294 32.21 -1.51 6.92
C VAL B 294 33.30 -0.68 6.26
N PRO B 295 33.17 -0.43 4.94
CA PRO B 295 34.07 0.52 4.28
C PRO B 295 34.10 1.85 5.03
N GLN B 296 35.28 2.41 5.25
CA GLN B 296 35.38 3.59 6.11
C GLN B 296 35.06 4.87 5.36
N LEU B 297 34.27 5.71 6.00
CA LEU B 297 33.92 7.00 5.45
C LEU B 297 35.12 7.90 5.61
N VAL B 298 35.43 8.66 4.58
CA VAL B 298 36.55 9.59 4.62
C VAL B 298 36.08 11.02 4.48
N PRO B 299 35.94 11.76 5.59
CA PRO B 299 35.49 13.13 5.43
C PRO B 299 36.50 13.91 4.64
N GLU B 300 36.11 15.06 4.09
CA GLU B 300 37.03 15.91 3.39
C GLU B 300 36.93 17.38 3.77
N THR B 301 35.73 17.93 3.86
CA THR B 301 35.58 19.35 4.19
C THR B 301 35.74 19.61 5.69
N GLU B 302 35.70 20.87 6.07
CA GLU B 302 35.71 21.26 7.48
C GLU B 302 34.54 20.61 8.18
N ASP B 303 33.33 20.91 7.71
CA ASP B 303 32.09 20.45 8.32
C ASP B 303 31.96 18.93 8.35
N GLU B 304 32.61 18.24 7.40
CA GLU B 304 32.58 16.78 7.35
C GLU B 304 33.33 16.11 8.51
N LYS B 305 34.49 16.65 8.84
CA LYS B 305 35.28 16.14 9.96
C LYS B 305 34.63 16.53 11.26
N LYS B 306 34.13 17.75 11.35
CA LYS B 306 33.38 18.17 12.53
C LYS B 306 32.29 17.15 12.82
N ARG B 307 31.51 16.81 11.80
CA ARG B 307 30.38 15.91 11.97
C ARG B 307 30.86 14.49 12.23
N PHE B 308 31.95 14.11 11.59
CA PHE B 308 32.58 12.82 11.87
C PHE B 308 33.03 12.72 13.32
N GLU B 309 33.47 13.84 13.86
CA GLU B 309 33.94 13.88 15.23
C GLU B 309 32.74 13.90 16.18
N GLU B 310 31.73 14.71 15.88
CA GLU B 310 30.51 14.72 16.70
C GLU B 310 29.94 13.32 16.69
N GLY B 311 30.12 12.64 15.56
CA GLY B 311 29.66 11.26 15.38
C GLY B 311 30.39 10.19 16.16
N LYS B 312 31.68 10.36 16.38
CA LYS B 312 32.40 9.54 17.35
C LYS B 312 31.84 9.82 18.73
N GLY B 313 31.60 11.10 19.00
CA GLY B 313 31.12 11.54 20.31
C GLY B 313 29.77 10.94 20.68
N ARG B 314 28.81 11.05 19.77
CA ARG B 314 27.46 10.48 19.98
C ARG B 314 27.54 8.96 20.15
N TYR B 315 28.41 8.35 19.34
CA TYR B 315 28.60 6.91 19.29
C TYR B 315 29.10 6.31 20.59
N LEU B 316 29.91 7.07 21.33
CA LEU B 316 30.38 6.66 22.66
C LEU B 316 29.21 6.61 23.63
N GLN B 317 28.57 7.75 23.84
CA GLN B 317 27.41 7.82 24.72
C GLN B 317 26.20 7.19 24.03
N VAL C 4 -5.36 -14.79 21.29
CA VAL C 4 -4.52 -13.94 20.40
C VAL C 4 -5.32 -12.89 19.66
N THR C 5 -4.97 -11.64 19.93
CA THR C 5 -5.78 -10.49 19.63
C THR C 5 -5.02 -9.17 19.55
N MET C 6 -5.51 -8.28 18.70
CA MET C 6 -4.99 -6.96 18.62
C MET C 6 -6.03 -6.06 17.92
N GLY C 7 -5.66 -4.82 17.64
CA GLY C 7 -6.56 -3.87 16.99
C GLY C 7 -5.66 -2.87 16.31
N ARG C 8 -6.22 -2.02 15.47
CA ARG C 8 -5.46 -1.00 14.76
C ARG C 8 -6.40 0.11 14.28
N ILE C 9 -5.85 1.28 14.00
CA ILE C 9 -6.67 2.44 13.76
C ILE C 9 -7.01 2.50 12.28
N MET C 10 -8.28 2.82 11.99
CA MET C 10 -8.85 2.72 10.65
C MET C 10 -8.57 3.94 9.86
N ARG C 11 -7.76 3.80 8.84
CA ARG C 11 -7.30 4.94 8.06
C ARG C 11 -8.31 5.23 6.94
N PRO C 12 -8.20 6.36 6.23
CA PRO C 12 -9.11 6.65 5.13
C PRO C 12 -9.07 5.61 4.02
N ASP C 13 -7.94 4.94 3.86
CA ASP C 13 -7.76 3.81 2.92
C ASP C 13 -8.55 2.57 3.27
N ASP C 14 -9.08 2.52 4.49
CA ASP C 14 -9.88 1.40 4.92
C ASP C 14 -11.36 1.61 4.66
N ALA C 15 -11.74 2.68 3.99
CA ALA C 15 -13.14 3.09 3.99
C ALA C 15 -13.54 3.86 2.75
N ASN C 16 -14.83 3.85 2.46
CA ASN C 16 -15.37 4.52 1.29
C ASN C 16 -15.25 6.03 1.45
N VAL C 17 -15.66 6.79 0.43
CA VAL C 17 -15.56 8.27 0.48
C VAL C 17 -16.33 8.87 1.66
N ALA C 18 -17.40 8.20 2.07
CA ALA C 18 -18.22 8.63 3.18
C ALA C 18 -17.70 8.10 4.50
N GLY C 19 -16.57 7.40 4.46
CA GLY C 19 -15.86 7.06 5.67
C GLY C 19 -16.34 5.82 6.41
N ASN C 20 -17.31 5.10 5.85
CA ASN C 20 -17.63 3.75 6.34
C ASN C 20 -16.59 2.72 5.89
N VAL C 21 -15.91 2.12 6.87
CA VAL C 21 -14.96 1.06 6.64
C VAL C 21 -15.55 -0.02 5.72
N HIS C 22 -14.71 -0.59 4.85
CA HIS C 22 -15.15 -1.65 3.94
C HIS C 22 -15.32 -2.97 4.70
N GLY C 23 -16.33 -3.73 4.34
CA GLY C 23 -16.56 -5.03 4.96
C GLY C 23 -15.33 -5.89 4.83
N GLY C 24 -14.75 -5.86 3.64
CA GLY C 24 -13.55 -6.60 3.32
C GLY C 24 -12.38 -6.23 4.20
N THR C 25 -12.27 -4.95 4.51
CA THR C 25 -11.21 -4.48 5.39
C THR C 25 -11.27 -5.24 6.69
N ILE C 26 -12.49 -5.43 7.21
CA ILE C 26 -12.69 -6.19 8.45
C ILE C 26 -12.48 -7.65 8.22
N LEU C 27 -12.92 -8.14 7.09
CA LEU C 27 -12.75 -9.56 6.79
C LEU C 27 -11.28 -9.96 6.78
N LYS C 28 -10.44 -9.11 6.20
CA LYS C 28 -9.02 -9.35 6.08
C LYS C 28 -8.31 -9.39 7.44
N MET C 29 -8.75 -8.54 8.36
CA MET C 29 -8.20 -8.50 9.72
C MET C 29 -8.60 -9.69 10.54
N ILE C 30 -9.85 -10.09 10.37
CA ILE C 30 -10.38 -11.28 11.02
C ILE C 30 -9.51 -12.47 10.62
N GLU C 31 -9.21 -12.57 9.34
CA GLU C 31 -8.51 -13.73 8.82
C GLU C 31 -7.09 -13.76 9.26
N GLU C 32 -6.40 -12.62 9.22
CA GLU C 32 -5.01 -12.58 9.68
C GLU C 32 -4.89 -13.06 11.11
N ALA C 33 -5.87 -12.68 11.93
CA ALA C 33 -5.95 -13.12 13.32
C ALA C 33 -6.10 -14.63 13.38
N GLY C 34 -7.15 -15.14 12.75
CA GLY C 34 -7.39 -16.57 12.64
C GLY C 34 -6.18 -17.33 12.11
N ALA C 35 -5.57 -16.81 11.05
CA ALA C 35 -4.43 -17.49 10.43
C ALA C 35 -3.24 -17.64 11.38
N ILE C 36 -3.06 -16.68 12.29
CA ILE C 36 -1.93 -16.69 13.18
C ILE C 36 -2.17 -17.70 14.27
N ILE C 37 -3.25 -17.49 15.02
CA ILE C 37 -3.58 -18.31 16.19
C ILE C 37 -3.59 -19.80 15.80
N SER C 38 -4.09 -20.09 14.59
CA SER C 38 -4.22 -21.47 14.12
C SER C 38 -2.91 -22.06 13.61
N THR C 39 -2.10 -21.29 12.89
CA THR C 39 -0.78 -21.81 12.49
C THR C 39 0.16 -21.97 13.68
N ARG C 40 -0.04 -21.15 14.71
CA ARG C 40 0.76 -21.29 15.90
C ARG C 40 0.46 -22.65 16.51
N HIS C 41 -0.82 -22.84 16.83
CA HIS C 41 -1.31 -24.03 17.51
C HIS C 41 -1.08 -25.34 16.71
N CYS C 42 -1.17 -25.28 15.39
CA CYS C 42 -0.87 -26.45 14.56
C CYS C 42 0.63 -26.79 14.56
N ASN C 43 1.45 -26.00 15.23
CA ASN C 43 2.86 -26.35 15.41
C ASN C 43 3.24 -26.42 16.88
N SER C 44 2.24 -26.42 17.77
CA SER C 44 2.49 -26.38 19.23
C SER C 44 2.97 -27.72 19.79
N GLN C 45 2.51 -28.84 19.20
CA GLN C 45 2.97 -30.19 19.57
C GLN C 45 4.21 -30.61 18.80
N ASN C 46 4.68 -29.75 17.89
CA ASN C 46 5.99 -29.87 17.24
C ASN C 46 6.15 -31.07 16.29
N GLY C 47 5.09 -31.34 15.53
CA GLY C 47 5.17 -32.32 14.45
C GLY C 47 5.91 -31.76 13.24
N GLU C 48 5.46 -32.15 12.06
CA GLU C 48 5.99 -31.64 10.79
C GLU C 48 5.51 -30.21 10.62
N ARG C 49 6.33 -29.38 9.98
CA ARG C 49 6.03 -27.94 9.88
C ARG C 49 4.94 -27.63 8.86
N CYS C 50 3.96 -26.85 9.29
CA CYS C 50 2.73 -26.61 8.52
C CYS C 50 2.35 -25.12 8.47
N VAL C 51 1.35 -24.81 7.66
CA VAL C 51 0.70 -23.51 7.67
C VAL C 51 -0.82 -23.68 7.58
N ALA C 52 -1.53 -23.08 8.52
CA ALA C 52 -3.00 -23.02 8.44
C ALA C 52 -3.45 -22.27 7.18
N ALA C 53 -4.38 -22.87 6.45
CA ALA C 53 -4.98 -22.25 5.30
C ALA C 53 -6.49 -22.17 5.54
N LEU C 54 -7.05 -21.01 5.23
CA LEU C 54 -8.46 -20.76 5.46
C LEU C 54 -9.27 -21.65 4.53
N ALA C 55 -10.13 -22.46 5.15
CA ALA C 55 -10.99 -23.40 4.41
C ALA C 55 -12.43 -22.93 4.42
N ARG C 56 -12.92 -22.42 5.54
CA ARG C 56 -14.30 -22.03 5.60
C ARG C 56 -14.49 -20.83 6.49
N VAL C 57 -15.51 -20.07 6.16
CA VAL C 57 -15.94 -18.93 6.94
C VAL C 57 -17.45 -19.03 7.10
N GLU C 58 -17.96 -18.83 8.30
CA GLU C 58 -19.40 -18.94 8.49
C GLU C 58 -20.09 -17.66 8.12
N ARG C 59 -21.40 -17.75 7.90
CA ARG C 59 -22.24 -16.57 7.71
C ARG C 59 -21.77 -15.55 8.75
N THR C 60 -21.89 -14.28 8.42
CA THR C 60 -21.45 -13.25 9.33
C THR C 60 -22.14 -11.92 9.01
N ASP C 61 -22.61 -11.22 10.04
CA ASP C 61 -23.37 -9.99 9.85
C ASP C 61 -22.70 -8.83 10.53
N PHE C 62 -22.79 -7.70 9.87
CA PHE C 62 -22.14 -6.50 10.31
C PHE C 62 -23.18 -5.72 11.08
N LEU C 63 -22.92 -5.58 12.37
CA LEU C 63 -23.93 -5.10 13.30
C LEU C 63 -23.95 -3.59 13.32
N SER C 64 -22.84 -2.97 13.68
CA SER C 64 -22.73 -1.52 13.66
C SER C 64 -21.71 -1.12 12.60
N PRO C 65 -21.84 0.09 12.02
CA PRO C 65 -20.79 0.53 11.10
C PRO C 65 -19.53 0.95 11.85
N MET C 66 -18.41 0.91 11.15
CA MET C 66 -17.14 1.37 11.68
C MET C 66 -16.72 2.54 10.83
N CYS C 67 -16.07 3.54 11.42
CA CYS C 67 -15.69 4.76 10.70
C CYS C 67 -14.19 5.06 10.79
N ILE C 68 -13.72 5.82 9.81
CA ILE C 68 -12.38 6.37 9.83
C ILE C 68 -12.06 6.92 11.24
N GLY C 69 -10.89 6.59 11.76
CA GLY C 69 -10.45 7.13 13.04
C GLY C 69 -10.79 6.25 14.22
N GLU C 70 -11.75 5.36 14.05
CA GLU C 70 -12.07 4.41 15.11
C GLU C 70 -11.03 3.30 15.15
N VAL C 71 -10.74 2.75 16.33
CA VAL C 71 -9.85 1.60 16.41
C VAL C 71 -10.66 0.32 16.33
N ALA C 72 -10.28 -0.56 15.43
CA ALA C 72 -10.91 -1.86 15.34
C ALA C 72 -10.15 -2.80 16.23
N HIS C 73 -10.86 -3.45 17.16
CA HIS C 73 -10.25 -4.44 18.04
C HIS C 73 -10.70 -5.81 17.61
N VAL C 74 -9.73 -6.70 17.43
CA VAL C 74 -9.99 -8.03 16.90
C VAL C 74 -9.45 -9.04 17.90
N SER C 75 -10.35 -9.71 18.62
CA SER C 75 -9.94 -10.84 19.47
C SER C 75 -10.33 -12.13 18.80
N ALA C 76 -9.43 -13.10 18.84
CA ALA C 76 -9.59 -14.36 18.13
C ALA C 76 -9.17 -15.54 19.00
N GLU C 77 -10.14 -16.38 19.35
CA GLU C 77 -9.94 -17.53 20.22
C GLU C 77 -10.19 -18.81 19.42
N ILE C 78 -9.47 -19.88 19.75
CA ILE C 78 -9.77 -21.23 19.21
C ILE C 78 -10.91 -21.83 20.01
N THR C 79 -11.94 -22.31 19.32
CA THR C 79 -13.13 -22.82 20.01
C THR C 79 -13.28 -24.36 19.93
N TYR C 80 -12.57 -25.02 19.02
CA TYR C 80 -12.70 -26.46 18.83
C TYR C 80 -11.56 -26.96 17.94
N THR C 81 -11.28 -28.26 17.98
CA THR C 81 -10.54 -28.90 16.89
C THR C 81 -11.14 -30.23 16.50
N SER C 82 -11.00 -30.57 15.24
CA SER C 82 -11.25 -31.89 14.77
C SER C 82 -9.90 -32.57 14.50
N LYS C 83 -9.92 -33.69 13.80
CA LYS C 83 -8.71 -34.40 13.49
C LYS C 83 -7.83 -33.55 12.61
N HIS C 84 -8.44 -32.89 11.61
CA HIS C 84 -7.72 -32.12 10.60
C HIS C 84 -8.08 -30.62 10.52
N SER C 85 -9.09 -30.16 11.26
CA SER C 85 -9.59 -28.78 11.14
C SER C 85 -9.51 -28.04 12.49
N VAL C 86 -9.54 -26.71 12.44
CA VAL C 86 -9.51 -25.87 13.63
C VAL C 86 -10.60 -24.85 13.58
N GLU C 87 -11.51 -24.88 14.54
CA GLU C 87 -12.48 -23.80 14.66
C GLU C 87 -11.84 -22.61 15.33
N VAL C 88 -12.19 -21.41 14.88
CA VAL C 88 -11.72 -20.17 15.50
C VAL C 88 -12.86 -19.19 15.50
N GLN C 89 -13.19 -18.64 16.67
CA GLN C 89 -14.21 -17.60 16.71
C GLN C 89 -13.48 -16.30 16.89
N VAL C 90 -14.02 -15.23 16.31
CA VAL C 90 -13.39 -13.94 16.34
C VAL C 90 -14.43 -12.88 16.67
N HIS C 91 -14.10 -11.98 17.59
CA HIS C 91 -14.94 -10.82 17.87
C HIS C 91 -14.24 -9.58 17.33
N VAL C 92 -15.02 -8.67 16.75
CA VAL C 92 -14.51 -7.41 16.24
C VAL C 92 -15.38 -6.29 16.77
N MET C 93 -14.72 -5.39 17.49
CA MET C 93 -15.36 -4.38 18.29
C MET C 93 -14.76 -3.04 17.84
N SER C 94 -15.61 -2.04 17.63
CA SER C 94 -15.09 -0.72 17.29
C SER C 94 -15.07 0.22 18.51
N GLU C 95 -13.86 0.70 18.87
CA GLU C 95 -13.71 1.77 19.85
C GLU C 95 -13.55 3.10 19.13
N ASN C 96 -14.39 4.07 19.48
CA ASN C 96 -14.11 5.46 19.14
C ASN C 96 -13.30 6.05 20.28
N ILE C 97 -12.14 6.63 19.97
CA ILE C 97 -11.22 7.08 21.03
C ILE C 97 -11.30 8.58 21.30
N LEU C 98 -12.22 9.28 20.65
CA LEU C 98 -12.58 10.63 21.06
C LEU C 98 -13.70 10.59 22.10
N THR C 99 -14.74 9.81 21.83
CA THR C 99 -15.92 9.76 22.68
C THR C 99 -15.93 8.61 23.68
N GLY C 100 -14.92 7.74 23.64
CA GLY C 100 -14.87 6.60 24.55
C GLY C 100 -15.76 5.44 24.13
N THR C 101 -16.80 5.73 23.34
CA THR C 101 -17.81 4.74 22.90
C THR C 101 -17.25 3.42 22.36
N LYS C 102 -17.93 2.31 22.65
CA LYS C 102 -17.64 1.03 22.02
C LYS C 102 -18.89 0.37 21.47
N LYS C 103 -18.72 -0.39 20.39
CA LYS C 103 -19.79 -1.18 19.80
C LYS C 103 -19.18 -2.52 19.38
N LEU C 104 -20.00 -3.56 19.35
CA LEU C 104 -19.61 -4.82 18.72
C LEU C 104 -20.01 -4.73 17.26
N THR C 105 -19.03 -4.92 16.39
CA THR C 105 -19.24 -4.82 14.96
C THR C 105 -19.59 -6.19 14.42
N ASN C 106 -18.98 -7.22 15.00
CA ASN C 106 -18.88 -8.44 14.28
C ASN C 106 -18.42 -9.60 15.14
N LYS C 107 -19.19 -10.68 15.14
CA LYS C 107 -18.69 -12.01 15.55
C LYS C 107 -18.42 -12.76 14.27
N ALA C 108 -17.51 -13.71 14.31
CA ALA C 108 -17.17 -14.47 13.12
C ALA C 108 -16.53 -15.79 13.49
N THR C 109 -16.79 -16.83 12.70
CA THR C 109 -16.26 -18.17 12.93
C THR C 109 -15.50 -18.65 11.70
N LEU C 110 -14.34 -19.26 11.90
CA LEU C 110 -13.51 -19.63 10.79
C LEU C 110 -12.96 -21.03 10.95
N TRP C 111 -12.68 -21.69 9.82
CA TRP C 111 -12.17 -23.06 9.82
C TRP C 111 -10.89 -23.10 9.04
N TYR C 112 -9.82 -23.51 9.71
CA TYR C 112 -8.49 -23.50 9.15
C TYR C 112 -8.02 -24.92 9.05
N VAL C 113 -7.07 -25.19 8.16
CA VAL C 113 -6.55 -26.55 7.95
C VAL C 113 -5.05 -26.56 7.63
N PRO C 114 -4.25 -27.21 8.48
CA PRO C 114 -2.80 -27.20 8.30
C PRO C 114 -2.35 -27.94 7.05
N LEU C 115 -1.50 -27.31 6.26
CA LEU C 115 -0.91 -27.92 5.08
C LEU C 115 0.60 -27.96 5.28
N SER C 116 1.21 -29.09 5.00
CA SER C 116 2.65 -29.27 5.18
C SER C 116 3.41 -28.27 4.33
N LEU C 117 4.44 -27.67 4.92
CA LEU C 117 5.28 -26.69 4.21
C LEU C 117 6.24 -27.40 3.28
N LYS C 118 6.65 -28.61 3.66
CA LYS C 118 7.50 -29.43 2.83
C LYS C 118 6.68 -30.03 1.68
N ASN C 119 5.68 -30.84 2.03
CA ASN C 119 4.77 -31.44 1.07
C ASN C 119 3.59 -30.52 0.78
N VAL C 120 3.65 -29.84 -0.35
CA VAL C 120 2.51 -29.04 -0.78
C VAL C 120 1.27 -29.96 -0.91
N ASP C 121 0.12 -29.45 -0.47
CA ASP C 121 -1.18 -30.16 -0.60
C ASP C 121 -1.38 -31.33 0.36
N LYS C 122 -0.51 -31.50 1.36
CA LYS C 122 -0.64 -32.61 2.31
C LYS C 122 -1.30 -32.17 3.62
N VAL C 123 -2.55 -32.55 3.82
CA VAL C 123 -3.26 -32.20 5.05
C VAL C 123 -2.64 -32.93 6.24
N LEU C 124 -2.68 -32.29 7.41
CA LEU C 124 -2.07 -32.82 8.64
C LEU C 124 -3.08 -32.84 9.77
N GLU C 125 -2.61 -33.29 10.94
CA GLU C 125 -3.48 -33.49 12.07
C GLU C 125 -3.37 -32.37 13.07
N VAL C 126 -4.52 -31.94 13.56
CA VAL C 126 -4.64 -30.82 14.46
C VAL C 126 -4.65 -31.32 15.91
N PRO C 127 -3.62 -30.95 16.70
CA PRO C 127 -3.52 -31.23 18.14
C PRO C 127 -4.79 -30.96 18.93
N PRO C 128 -4.99 -31.68 20.05
CA PRO C 128 -6.21 -31.38 20.79
C PRO C 128 -6.06 -30.14 21.65
N ILE C 129 -7.19 -29.48 21.90
CA ILE C 129 -7.20 -28.31 22.79
C ILE C 129 -7.83 -28.71 24.11
N VAL C 130 -7.48 -27.99 25.17
CA VAL C 130 -8.06 -28.23 26.49
C VAL C 130 -9.25 -27.31 26.75
N TYR C 131 -10.41 -27.91 26.98
CA TYR C 131 -11.65 -27.17 27.21
C TYR C 131 -11.82 -27.03 28.71
N LEU C 132 -12.93 -26.42 29.11
CA LEU C 132 -13.27 -26.30 30.53
C LEU C 132 -14.46 -27.20 30.86
N ARG C 133 -15.46 -27.23 29.97
CA ARG C 133 -16.61 -28.12 30.11
C ARG C 133 -16.76 -28.99 28.85
N GLN C 134 -17.52 -30.08 28.98
CA GLN C 134 -17.84 -30.93 27.83
C GLN C 134 -18.78 -30.20 26.86
N GLU C 135 -19.76 -29.46 27.39
CA GLU C 135 -20.76 -28.77 26.56
C GLU C 135 -20.11 -27.91 25.47
N GLN C 136 -18.91 -27.40 25.76
CA GLN C 136 -18.13 -26.68 24.76
C GLN C 136 -17.74 -27.59 23.61
N GLU C 137 -17.10 -28.71 23.95
CA GLU C 137 -16.70 -29.70 22.96
C GLU C 137 -17.89 -30.23 22.14
N GLU C 138 -19.00 -30.54 22.80
CA GLU C 138 -20.21 -30.97 22.09
C GLU C 138 -20.72 -29.87 21.14
N GLU C 139 -20.90 -28.66 21.67
CA GLU C 139 -21.34 -27.52 20.85
C GLU C 139 -20.40 -27.32 19.69
N GLY C 140 -19.11 -27.52 19.94
CA GLY C 140 -18.11 -27.55 18.88
C GLY C 140 -18.34 -28.68 17.88
N ARG C 141 -18.51 -29.90 18.38
CA ARG C 141 -18.77 -31.07 17.53
C ARG C 141 -20.08 -30.92 16.72
N LYS C 142 -21.16 -30.42 17.35
CA LYS C 142 -22.42 -30.22 16.64
C LYS C 142 -22.25 -29.21 15.52
N ARG C 143 -21.52 -28.14 15.80
CA ARG C 143 -21.21 -27.12 14.78
C ARG C 143 -20.20 -27.67 13.76
N TYR C 144 -19.27 -28.50 14.24
CA TYR C 144 -18.32 -29.20 13.37
C TYR C 144 -19.03 -30.22 12.46
N GLU C 145 -20.18 -30.73 12.89
CA GLU C 145 -20.99 -31.57 12.03
C GLU C 145 -21.83 -30.70 11.10
N ALA C 146 -22.56 -29.73 11.67
CA ALA C 146 -23.44 -28.85 10.90
C ALA C 146 -22.77 -28.27 9.66
N GLN C 147 -21.49 -27.92 9.77
CA GLN C 147 -20.72 -27.45 8.58
C GLN C 147 -20.40 -28.61 7.65
N LYS C 148 -19.95 -29.71 8.24
CA LYS C 148 -19.46 -30.88 7.51
C LYS C 148 -20.57 -31.58 6.73
N LEU C 149 -21.82 -31.35 7.16
CA LEU C 149 -23.00 -31.85 6.46
C LEU C 149 -23.32 -30.95 5.28
N GLU C 150 -23.53 -29.67 5.56
CA GLU C 150 -23.86 -28.69 4.53
C GLU C 150 -22.89 -28.77 3.34
N ARG C 151 -21.69 -29.30 3.57
CA ARG C 151 -20.70 -29.49 2.50
C ARG C 151 -20.87 -30.76 1.68
N MET C 152 -21.94 -31.49 1.97
CA MET C 152 -22.45 -32.51 1.06
C MET C 152 -23.85 -31.92 0.84
N GLU C 153 -23.88 -30.80 0.10
CA GLU C 153 -25.05 -29.90 -0.08
C GLU C 153 -26.36 -30.41 0.53
N PRO C 168 -27.84 -0.91 -22.02
CA PRO C 168 -27.84 -1.50 -20.67
C PRO C 168 -28.73 -0.74 -19.66
N GLU C 169 -29.88 -1.32 -19.35
CA GLU C 169 -30.98 -0.62 -18.66
C GLU C 169 -30.75 -0.42 -17.16
N PRO C 170 -30.98 0.81 -16.64
CA PRO C 170 -30.80 1.00 -15.18
C PRO C 170 -31.65 0.05 -14.33
N ASN C 171 -31.18 -0.24 -13.12
CA ASN C 171 -31.81 -1.23 -12.25
C ASN C 171 -31.91 -2.63 -12.85
N THR C 172 -31.19 -2.89 -13.95
CA THR C 172 -31.05 -4.25 -14.50
C THR C 172 -29.68 -4.86 -14.08
N VAL C 173 -29.55 -6.20 -14.10
CA VAL C 173 -28.34 -6.84 -13.56
C VAL C 173 -27.08 -6.47 -14.32
N SER C 174 -27.22 -6.26 -15.63
CA SER C 174 -26.09 -5.90 -16.50
C SER C 174 -25.60 -4.46 -16.32
N TYR C 175 -26.50 -3.58 -15.91
CA TYR C 175 -26.14 -2.22 -15.62
C TYR C 175 -25.10 -2.16 -14.51
N SER C 176 -25.29 -2.93 -13.43
CA SER C 176 -24.40 -2.90 -12.26
C SER C 176 -23.30 -3.98 -12.29
N GLN C 177 -23.45 -4.96 -13.17
CA GLN C 177 -22.48 -6.03 -13.26
C GLN C 177 -21.09 -5.42 -13.32
N SER C 178 -20.15 -6.07 -12.65
CA SER C 178 -18.78 -5.58 -12.51
C SER C 178 -17.82 -6.74 -12.35
N SER C 179 -16.61 -6.58 -12.87
CA SER C 179 -15.53 -7.53 -12.61
C SER C 179 -14.20 -6.83 -12.40
N LEU C 180 -13.28 -7.55 -11.76
CA LEU C 180 -11.99 -7.01 -11.35
C LEU C 180 -10.96 -8.09 -11.53
N ILE C 181 -9.74 -7.71 -11.90
CA ILE C 181 -8.71 -8.68 -12.28
C ILE C 181 -7.46 -8.33 -11.55
N HIS C 182 -6.86 -9.31 -10.91
CA HIS C 182 -5.75 -9.06 -10.01
C HIS C 182 -4.64 -10.09 -10.18
N LEU C 183 -3.45 -9.60 -10.46
CA LEU C 183 -2.28 -10.44 -10.51
C LEU C 183 -1.81 -10.62 -9.10
N VAL C 184 -1.68 -11.87 -8.69
CA VAL C 184 -1.27 -12.21 -7.33
C VAL C 184 0.19 -11.92 -7.09
N GLY C 185 0.47 -10.95 -6.25
CA GLY C 185 1.83 -10.56 -5.91
C GLY C 185 2.29 -11.28 -4.66
N PRO C 186 3.57 -11.10 -4.31
CA PRO C 186 4.18 -11.80 -3.17
C PRO C 186 3.58 -11.45 -1.84
N SER C 187 3.25 -10.20 -1.60
CA SER C 187 2.67 -9.82 -0.30
C SER C 187 1.17 -10.20 -0.16
N ASP C 188 0.54 -10.62 -1.27
CA ASP C 188 -0.76 -11.25 -1.21
C ASP C 188 -0.67 -12.63 -0.62
N CYS C 189 0.52 -13.17 -0.63
CA CYS C 189 0.70 -14.57 -0.41
C CYS C 189 1.15 -14.87 0.95
N THR C 190 0.95 -16.10 1.36
CA THR C 190 1.52 -16.58 2.57
C THR C 190 2.94 -16.80 2.17
N LEU C 191 3.77 -17.27 3.08
CA LEU C 191 5.19 -17.31 2.79
C LEU C 191 5.37 -18.17 1.57
N HIS C 192 4.54 -19.18 1.50
CA HIS C 192 4.58 -20.12 0.38
C HIS C 192 3.76 -19.53 -0.76
N GLY C 193 3.78 -20.19 -1.90
CA GLY C 193 3.19 -19.60 -3.11
C GLY C 193 1.76 -19.11 -3.02
N PHE C 194 1.06 -19.36 -1.92
CA PHE C 194 -0.41 -19.29 -1.93
C PHE C 194 -1.04 -18.05 -1.28
N VAL C 195 -2.25 -17.77 -1.71
CA VAL C 195 -2.94 -16.57 -1.33
C VAL C 195 -3.59 -16.68 0.05
N HIS C 196 -3.71 -15.57 0.76
CA HIS C 196 -4.46 -15.51 2.00
C HIS C 196 -5.95 -15.52 1.78
N GLY C 197 -6.66 -16.01 2.77
CA GLY C 197 -8.09 -15.96 2.73
C GLY C 197 -8.62 -14.56 2.77
N GLY C 198 -7.91 -13.72 3.53
CA GLY C 198 -8.25 -12.33 3.68
C GLY C 198 -8.08 -11.53 2.41
N VAL C 199 -7.00 -11.82 1.70
CA VAL C 199 -6.76 -11.17 0.42
C VAL C 199 -7.95 -11.42 -0.51
N THR C 200 -8.38 -12.67 -0.57
CA THR C 200 -9.52 -13.00 -1.38
C THR C 200 -10.79 -12.34 -0.92
N MET C 201 -11.09 -12.49 0.35
CA MET C 201 -12.31 -11.93 0.89
C MET C 201 -12.36 -10.43 0.66
N LYS C 202 -11.20 -9.77 0.76
CA LYS C 202 -11.20 -8.35 0.55
C LYS C 202 -11.50 -7.96 -0.87
N LEU C 203 -10.96 -8.72 -1.81
CA LEU C 203 -11.21 -8.42 -3.20
C LEU C 203 -12.66 -8.67 -3.58
N MET C 204 -13.28 -9.65 -2.92
CA MET C 204 -14.68 -9.98 -3.20
C MET C 204 -15.58 -8.82 -2.80
N ASP C 205 -15.39 -8.32 -1.58
CA ASP C 205 -16.09 -7.14 -1.12
C ASP C 205 -15.84 -5.91 -2.00
N GLU C 206 -14.61 -5.72 -2.46
CA GLU C 206 -14.35 -4.60 -3.38
C GLU C 206 -15.28 -4.67 -4.55
N VAL C 207 -15.48 -5.87 -5.08
CA VAL C 207 -16.32 -6.01 -6.27
C VAL C 207 -17.81 -5.88 -5.97
N ALA C 208 -18.28 -6.68 -5.03
CA ALA C 208 -19.68 -6.58 -4.61
C ALA C 208 -20.01 -5.16 -4.21
N GLY C 209 -19.11 -4.54 -3.44
CA GLY C 209 -19.23 -3.12 -3.10
C GLY C 209 -19.49 -2.24 -4.31
N ILE C 210 -18.73 -2.43 -5.37
CA ILE C 210 -18.92 -1.62 -6.57
C ILE C 210 -20.26 -1.93 -7.21
N VAL C 211 -20.56 -3.21 -7.39
CA VAL C 211 -21.86 -3.64 -7.95
C VAL C 211 -22.98 -2.95 -7.20
N ALA C 212 -22.97 -3.06 -5.87
CA ALA C 212 -23.96 -2.39 -5.03
C ALA C 212 -24.04 -0.90 -5.32
N ALA C 213 -22.91 -0.21 -5.34
CA ALA C 213 -22.90 1.24 -5.49
C ALA C 213 -23.40 1.71 -6.83
N ARG C 214 -22.99 1.01 -7.88
CA ARG C 214 -23.44 1.29 -9.23
C ARG C 214 -24.97 1.34 -9.30
N HIS C 215 -25.60 0.37 -8.63
CA HIS C 215 -27.03 0.18 -8.60
C HIS C 215 -27.75 1.22 -7.76
N CYS C 216 -27.45 1.28 -6.46
CA CYS C 216 -28.06 2.22 -5.54
C CYS C 216 -27.89 3.67 -5.94
N LYS C 217 -26.73 3.98 -6.53
CA LYS C 217 -26.32 5.34 -6.82
C LYS C 217 -26.18 6.16 -5.54
N THR C 218 -25.77 5.51 -4.46
CA THR C 218 -25.60 6.15 -3.17
C THR C 218 -24.53 5.44 -2.31
N ASN C 219 -24.37 5.90 -1.07
CA ASN C 219 -23.48 5.25 -0.11
C ASN C 219 -23.98 3.88 0.24
N ILE C 220 -23.07 2.99 0.62
CA ILE C 220 -23.35 1.58 0.79
C ILE C 220 -22.39 0.90 1.76
N VAL C 221 -22.84 -0.17 2.40
CA VAL C 221 -22.00 -0.91 3.33
C VAL C 221 -22.38 -2.39 3.38
N THR C 222 -21.42 -3.21 3.77
CA THR C 222 -21.60 -4.64 3.76
C THR C 222 -22.44 -4.93 4.95
N ALA C 223 -23.62 -5.49 4.73
CA ALA C 223 -24.51 -5.82 5.85
C ALA C 223 -24.24 -7.22 6.32
N SER C 224 -23.96 -8.12 5.38
CA SER C 224 -23.75 -9.54 5.71
C SER C 224 -23.12 -10.31 4.57
N VAL C 225 -22.56 -11.46 4.95
CA VAL C 225 -21.85 -12.31 4.03
C VAL C 225 -22.22 -13.72 4.39
N ASP C 226 -22.32 -14.55 3.36
CA ASP C 226 -22.79 -15.94 3.46
C ASP C 226 -21.60 -16.81 3.61
N ALA C 227 -21.78 -17.99 4.16
CA ALA C 227 -20.69 -18.95 4.32
C ALA C 227 -19.93 -19.07 3.03
N ILE C 228 -18.61 -19.08 3.14
CA ILE C 228 -17.71 -19.24 2.00
C ILE C 228 -16.94 -20.52 2.27
N ASN C 229 -16.68 -21.26 1.21
CA ASN C 229 -15.83 -22.42 1.29
C ASN C 229 -14.71 -22.20 0.31
N PHE C 230 -13.51 -22.57 0.71
CA PHE C 230 -12.38 -22.34 -0.14
C PHE C 230 -11.92 -23.63 -0.76
N HIS C 231 -12.29 -23.78 -2.03
CA HIS C 231 -12.18 -25.02 -2.78
C HIS C 231 -10.71 -25.34 -2.96
N ASP C 232 -10.02 -24.48 -3.68
CA ASP C 232 -8.66 -24.76 -4.11
C ASP C 232 -7.75 -23.56 -3.83
N LYS C 233 -6.44 -23.82 -3.81
CA LYS C 233 -5.42 -22.77 -3.60
C LYS C 233 -5.27 -21.94 -4.85
N ILE C 234 -4.66 -20.78 -4.69
CA ILE C 234 -4.22 -19.94 -5.78
C ILE C 234 -2.76 -19.59 -5.55
N ARG C 235 -1.92 -19.75 -6.58
CA ARG C 235 -0.48 -19.54 -6.43
C ARG C 235 -0.07 -18.14 -6.86
N LYS C 236 1.05 -17.68 -6.29
CA LYS C 236 1.73 -16.48 -6.76
C LYS C 236 1.74 -16.49 -8.26
N GLY C 237 1.57 -15.34 -8.87
CA GLY C 237 1.62 -15.27 -10.32
C GLY C 237 0.33 -15.64 -11.04
N CYS C 238 -0.61 -16.31 -10.37
CA CYS C 238 -1.94 -16.49 -10.95
C CYS C 238 -2.53 -15.13 -11.09
N VAL C 239 -3.20 -14.91 -12.19
CA VAL C 239 -4.08 -13.78 -12.30
C VAL C 239 -5.47 -14.26 -11.96
N ILE C 240 -6.10 -13.62 -10.99
CA ILE C 240 -7.46 -13.99 -10.60
C ILE C 240 -8.46 -12.94 -11.03
N THR C 241 -9.62 -13.41 -11.45
CA THR C 241 -10.70 -12.53 -11.90
C THR C 241 -11.87 -12.63 -10.94
N ILE C 242 -12.29 -11.52 -10.36
CA ILE C 242 -13.44 -11.54 -9.51
C ILE C 242 -14.56 -10.83 -10.23
N SER C 243 -15.60 -11.57 -10.57
CA SER C 243 -16.75 -10.99 -11.24
C SER C 243 -17.90 -11.01 -10.26
N GLY C 244 -18.67 -9.94 -10.25
CA GLY C 244 -19.80 -9.81 -9.33
C GLY C 244 -21.03 -9.23 -10.02
N ARG C 245 -22.20 -9.77 -9.66
CA ARG C 245 -23.48 -9.39 -10.28
C ARG C 245 -24.64 -9.57 -9.30
N MET C 246 -25.62 -8.68 -9.40
CA MET C 246 -26.78 -8.70 -8.50
C MET C 246 -27.62 -9.93 -8.73
N THR C 247 -28.26 -10.41 -7.68
CA THR C 247 -29.22 -11.50 -7.81
C THR C 247 -30.60 -11.08 -7.34
N PHE C 248 -30.70 -10.62 -6.10
CA PHE C 248 -31.97 -10.34 -5.49
C PHE C 248 -31.99 -8.92 -4.89
N THR C 249 -33.18 -8.35 -4.76
CA THR C 249 -33.36 -7.18 -3.89
C THR C 249 -34.63 -7.31 -3.05
N SER C 250 -34.45 -7.13 -1.74
CA SER C 250 -35.54 -6.87 -0.85
C SER C 250 -35.79 -5.40 -0.97
N ASN C 251 -36.72 -4.88 -0.18
CA ASN C 251 -37.01 -3.45 -0.22
C ASN C 251 -35.78 -2.63 0.19
N LYS C 252 -35.08 -3.08 1.23
CA LYS C 252 -33.97 -2.30 1.81
C LYS C 252 -32.56 -2.91 1.67
N SER C 253 -32.44 -4.09 1.04
CA SER C 253 -31.14 -4.77 0.90
C SER C 253 -30.82 -5.18 -0.55
N MET C 254 -29.61 -5.72 -0.77
CA MET C 254 -29.09 -6.11 -2.08
C MET C 254 -28.22 -7.34 -1.95
N GLU C 255 -28.67 -8.43 -2.55
CA GLU C 255 -27.83 -9.62 -2.68
C GLU C 255 -26.98 -9.43 -3.93
N ILE C 256 -25.76 -9.96 -3.88
CA ILE C 256 -24.77 -9.81 -4.92
C ILE C 256 -23.95 -11.08 -4.97
N GLU C 257 -23.96 -11.77 -6.11
CA GLU C 257 -23.16 -12.98 -6.27
C GLU C 257 -21.78 -12.62 -6.75
N VAL C 258 -20.76 -13.09 -6.03
CA VAL C 258 -19.38 -12.84 -6.42
C VAL C 258 -18.74 -14.17 -6.71
N LEU C 259 -18.08 -14.26 -7.87
CA LEU C 259 -17.42 -15.49 -8.34
C LEU C 259 -15.97 -15.15 -8.55
N VAL C 260 -15.09 -16.07 -8.16
CA VAL C 260 -13.65 -15.85 -8.17
C VAL C 260 -12.97 -16.95 -8.95
N ASP C 261 -12.49 -16.60 -10.15
CA ASP C 261 -11.76 -17.52 -11.03
C ASP C 261 -10.25 -17.28 -11.02
N ALA C 262 -9.49 -18.31 -11.36
CA ALA C 262 -8.04 -18.24 -11.32
C ALA C 262 -7.46 -18.77 -12.62
N ASP C 263 -6.63 -17.98 -13.30
CA ASP C 263 -5.84 -18.46 -14.42
C ASP C 263 -4.40 -18.52 -13.99
N PRO C 264 -3.80 -19.71 -14.02
CA PRO C 264 -2.34 -19.79 -14.02
C PRO C 264 -1.83 -19.56 -15.44
N VAL C 265 -1.44 -18.31 -15.72
CA VAL C 265 -1.03 -17.90 -17.04
C VAL C 265 0.26 -18.63 -17.37
N VAL C 266 1.10 -18.78 -16.35
CA VAL C 266 2.33 -19.54 -16.40
C VAL C 266 2.11 -21.02 -16.10
N ASP C 267 2.99 -21.86 -16.65
CA ASP C 267 2.77 -23.31 -16.77
C ASP C 267 1.35 -23.69 -17.27
N ASN C 268 0.93 -23.00 -18.33
CA ASN C 268 -0.40 -23.11 -18.89
C ASN C 268 -0.70 -24.40 -19.66
N SER C 269 -0.30 -25.53 -19.07
CA SER C 269 -0.98 -26.80 -19.32
C SER C 269 -2.29 -26.84 -18.49
N GLN C 270 -2.30 -26.03 -17.44
CA GLN C 270 -3.43 -25.92 -16.49
C GLN C 270 -4.43 -24.91 -17.07
N LYS C 271 -5.72 -25.25 -16.96
CA LYS C 271 -6.84 -24.40 -17.35
C LYS C 271 -7.45 -23.67 -16.14
N ARG C 272 -8.13 -22.55 -16.40
CA ARG C 272 -8.75 -21.75 -15.35
C ARG C 272 -9.69 -22.60 -14.46
N TYR C 273 -9.79 -22.22 -13.18
CA TYR C 273 -10.63 -22.92 -12.21
C TYR C 273 -11.31 -21.97 -11.28
N ARG C 274 -12.42 -22.44 -10.74
CA ARG C 274 -13.22 -21.68 -9.83
C ARG C 274 -12.62 -21.83 -8.44
N ALA C 275 -12.04 -20.75 -7.92
CA ALA C 275 -11.37 -20.80 -6.64
C ALA C 275 -12.36 -20.73 -5.50
N ALA C 276 -13.41 -19.91 -5.66
CA ALA C 276 -14.38 -19.69 -4.58
C ALA C 276 -15.55 -18.86 -5.03
N SER C 277 -16.60 -18.84 -4.22
CA SER C 277 -17.82 -18.10 -4.59
C SER C 277 -18.61 -17.75 -3.35
N ALA C 278 -19.35 -16.65 -3.40
CA ALA C 278 -20.12 -16.21 -2.24
C ALA C 278 -21.25 -15.25 -2.57
N PHE C 279 -22.19 -15.09 -1.63
CA PHE C 279 -23.25 -14.06 -1.76
C PHE C 279 -23.04 -13.02 -0.67
N PHE C 280 -23.00 -11.77 -1.08
CA PHE C 280 -22.71 -10.65 -0.21
C PHE C 280 -23.96 -9.81 -0.17
N THR C 281 -24.44 -9.45 1.02
CA THR C 281 -25.57 -8.53 1.12
C THR C 281 -25.17 -7.13 1.57
N TYR C 282 -25.75 -6.14 0.92
CA TYR C 282 -25.28 -4.75 1.02
C TYR C 282 -26.45 -3.89 1.29
N VAL C 283 -26.18 -2.74 1.90
CA VAL C 283 -27.20 -1.85 2.40
C VAL C 283 -26.92 -0.41 1.95
N SER C 284 -27.96 0.32 1.56
CA SER C 284 -27.81 1.76 1.28
C SER C 284 -27.92 2.54 2.58
N LEU C 285 -27.40 3.75 2.62
CA LEU C 285 -27.44 4.51 3.84
C LEU C 285 -27.72 5.97 3.67
N ASN C 286 -28.43 6.52 4.64
CA ASN C 286 -28.75 7.93 4.66
C ASN C 286 -27.56 8.76 5.03
N GLN C 287 -27.57 10.02 4.64
CA GLN C 287 -26.47 10.89 5.00
C GLN C 287 -26.45 10.92 6.52
N GLU C 288 -27.64 10.90 7.10
CA GLU C 288 -27.77 10.73 8.53
C GLU C 288 -27.22 9.36 8.86
N GLY C 289 -27.46 8.43 7.97
CA GLY C 289 -26.96 7.08 8.12
C GLY C 289 -27.99 6.11 8.62
N LYS C 290 -27.87 4.91 8.10
CA LYS C 290 -28.77 3.78 8.34
C LYS C 290 -29.88 3.68 7.31
N PRO C 291 -30.36 2.46 7.09
CA PRO C 291 -30.80 1.97 5.79
C PRO C 291 -32.00 2.64 5.18
N MET C 292 -31.92 2.84 3.88
CA MET C 292 -32.97 3.43 3.06
C MET C 292 -33.55 2.39 2.14
N PRO C 293 -34.69 2.70 1.49
CA PRO C 293 -35.20 1.76 0.51
C PRO C 293 -34.30 1.76 -0.73
N VAL C 294 -34.25 0.59 -1.38
CA VAL C 294 -33.33 0.29 -2.47
C VAL C 294 -34.09 0.20 -3.78
N PRO C 295 -33.57 0.82 -4.85
CA PRO C 295 -34.15 0.61 -6.18
C PRO C 295 -34.27 -0.88 -6.48
N GLN C 296 -35.41 -1.31 -7.01
CA GLN C 296 -35.64 -2.73 -7.19
C GLN C 296 -34.99 -3.29 -8.46
N LEU C 297 -34.33 -4.43 -8.30
CA LEU C 297 -33.71 -5.10 -9.42
C LEU C 297 -34.79 -5.75 -10.23
N VAL C 298 -34.70 -5.65 -11.56
CA VAL C 298 -35.68 -6.25 -12.45
C VAL C 298 -35.01 -7.31 -13.30
N PRO C 299 -35.14 -8.59 -12.93
CA PRO C 299 -34.54 -9.61 -13.81
C PRO C 299 -35.18 -9.58 -15.18
N GLU C 300 -34.51 -10.15 -16.18
CA GLU C 300 -35.10 -10.27 -17.52
C GLU C 300 -34.96 -11.65 -18.15
N THR C 301 -33.79 -12.27 -18.06
CA THR C 301 -33.63 -13.60 -18.66
C THR C 301 -34.22 -14.72 -17.78
N GLU C 302 -34.17 -15.95 -18.29
CA GLU C 302 -34.58 -17.12 -17.52
C GLU C 302 -33.74 -17.20 -16.25
N ASP C 303 -32.42 -17.26 -16.45
CA ASP C 303 -31.46 -17.43 -15.36
C ASP C 303 -31.51 -16.31 -14.33
N GLU C 304 -31.91 -15.11 -14.76
CA GLU C 304 -32.01 -13.96 -13.86
C GLU C 304 -33.13 -14.08 -12.83
N LYS C 305 -34.28 -14.55 -13.29
CA LYS C 305 -35.42 -14.78 -12.40
C LYS C 305 -35.17 -15.99 -11.51
N LYS C 306 -34.60 -17.05 -12.08
CA LYS C 306 -34.19 -18.19 -11.30
C LYS C 306 -33.34 -17.71 -10.11
N ARG C 307 -32.34 -16.87 -10.40
CA ARG C 307 -31.39 -16.43 -9.36
C ARG C 307 -32.03 -15.43 -8.42
N PHE C 308 -32.93 -14.61 -8.96
CA PHE C 308 -33.78 -13.73 -8.13
C PHE C 308 -34.64 -14.51 -7.17
N GLU C 309 -35.12 -15.67 -7.62
CA GLU C 309 -35.95 -16.50 -6.79
C GLU C 309 -35.09 -17.24 -5.79
N GLU C 310 -33.96 -17.81 -6.22
CA GLU C 310 -33.07 -18.48 -5.29
C GLU C 310 -32.66 -17.47 -4.22
N GLY C 311 -32.56 -16.22 -4.64
CA GLY C 311 -32.19 -15.12 -3.77
C GLY C 311 -33.23 -14.69 -2.76
N LYS C 312 -34.50 -14.80 -3.09
CA LYS C 312 -35.57 -14.72 -2.09
C LYS C 312 -35.42 -15.88 -1.11
N GLY C 313 -35.16 -17.07 -1.64
CA GLY C 313 -35.05 -18.28 -0.85
C GLY C 313 -33.94 -18.22 0.17
N ARG C 314 -32.74 -17.85 -0.26
CA ARG C 314 -31.59 -17.71 0.66
C ARG C 314 -31.86 -16.63 1.71
N TYR C 315 -32.48 -15.54 1.26
CA TYR C 315 -32.77 -14.35 2.07
C TYR C 315 -33.71 -14.65 3.22
N LEU C 316 -34.63 -15.60 3.03
CA LEU C 316 -35.49 -16.06 4.12
C LEU C 316 -34.67 -16.77 5.19
N GLN C 317 -34.02 -17.88 4.80
CA GLN C 317 -33.16 -18.63 5.71
C GLN C 317 -31.81 -17.90 5.89
N1A COA D . 8.84 -0.13 -28.33
C2A COA D . 8.16 -1.08 -29.00
N3A COA D . 8.72 -2.25 -29.34
C4A COA D . 10.00 -2.54 -29.01
C5A COA D . 10.80 -1.55 -28.30
C6A COA D . 10.13 -0.29 -27.96
N6A COA D . 10.78 0.69 -27.29
N7A COA D . 12.01 -2.09 -28.12
C8A COA D . 12.01 -3.33 -28.66
N9A COA D . 10.80 -3.59 -29.21
C1B COA D . 10.37 -4.82 -29.91
C2B COA D . 10.73 -4.77 -31.39
O2B COA D . 9.74 -4.02 -32.12
C3B COA D . 10.90 -6.25 -31.73
O3B COA D . 9.73 -6.87 -32.25
P3B COA D . 9.57 -7.24 -33.80
O7A COA D . 9.56 -5.90 -34.49
O8A COA D . 10.76 -8.14 -34.01
O9A COA D . 8.24 -7.95 -33.88
C4B COA D . 11.14 -6.96 -30.41
O4B COA D . 11.04 -5.96 -29.40
C5B COA D . 12.51 -7.59 -30.35
O5B COA D . 13.38 -6.51 -30.03
P1A COA D . 14.96 -6.75 -29.99
O1A COA D . 15.23 -8.07 -30.68
O2A COA D . 15.57 -5.45 -30.47
O3A COA D . 15.28 -7.02 -28.43
P2A COA D . 15.79 -5.92 -27.37
O4A COA D . 15.58 -4.50 -27.88
O5A COA D . 17.10 -6.43 -26.80
O6A COA D . 14.71 -6.13 -26.22
CBP COA D . 12.94 -5.45 -24.82
CCP COA D . 13.47 -5.41 -26.24
CDP COA D . 11.54 -4.83 -24.80
CEP COA D . 12.89 -6.89 -24.34
CAP COA D . 13.96 -4.69 -23.96
OAP COA D . 14.12 -3.36 -24.48
C9P COA D . 13.56 -4.71 -22.51
O9P COA D . 13.86 -5.70 -21.85
N8P COA D . 12.92 -3.62 -22.07
C7P COA D . 12.49 -3.40 -20.70
C6P COA D . 11.24 -4.18 -20.32
C5P COA D . 10.92 -3.87 -18.87
O5P COA D . 11.62 -4.31 -17.97
N4P COA D . 9.89 -3.04 -18.67
C3P COA D . 9.60 -2.54 -17.35
C2P COA D . 10.63 -1.51 -16.88
S1P COA D . 9.78 -0.05 -16.22
N1A COA E . 9.60 15.78 23.47
C2A COA E . 8.75 15.61 24.51
N3A COA E . 7.90 16.56 24.94
C4A COA E . 7.85 17.74 24.32
C5A COA E . 8.72 18.01 23.17
C6A COA E . 9.62 16.94 22.77
N6A COA E . 10.44 17.12 21.72
N7A COA E . 8.47 19.25 22.75
C8A COA E . 7.51 19.75 23.57
N9A COA E . 7.16 18.84 24.49
C1B COA E . 6.14 19.03 25.57
C2B COA E . 6.75 19.69 26.79
O2B COA E . 7.44 18.71 27.59
C3B COA E . 5.53 20.31 27.44
O3B COA E . 5.01 19.42 28.41
P3B COA E . 4.87 19.76 29.98
O7A COA E . 6.28 19.59 30.48
O8A COA E . 4.25 21.14 29.94
O9A COA E . 3.95 18.71 30.58
C4B COA E . 4.50 20.46 26.32
O4B COA E . 5.10 19.90 25.16
C5B COA E . 4.13 21.85 25.92
O5B COA E . 4.85 22.08 24.71
P1A COA E . 5.48 23.51 24.36
O1A COA E . 5.36 24.42 25.58
O2A COA E . 6.85 23.29 23.72
O3A COA E . 4.40 23.95 23.27
P2A COA E . 4.79 24.01 21.70
O4A COA E . 6.31 23.94 21.62
O5A COA E . 4.02 25.14 21.06
O6A COA E . 4.07 22.69 21.11
CBP COA E . 4.19 20.45 20.18
CCP COA E . 4.59 21.36 21.32
CDP COA E . 4.48 19.00 20.57
CEP COA E . 2.72 20.69 19.92
CAP COA E . 4.99 20.81 18.94
OAP COA E . 6.36 20.44 19.16
C9P COA E . 4.46 20.13 17.69
O9P COA E . 3.62 20.72 17.05
N8P COA E . 4.95 18.93 17.35
C7P COA E . 4.55 18.20 16.17
C6P COA E . 3.65 17.00 16.50
C5P COA E . 3.55 16.10 15.30
O5P COA E . 3.07 16.54 14.26
N4P COA E . 4.10 14.90 15.36
C3P COA E . 4.41 14.24 14.11
C2P COA E . 5.35 15.16 13.31
S1P COA E . 6.30 14.29 12.06
N1A COA F . -14.98 -26.27 5.36
C2A COA F . -14.56 -26.77 6.56
N3A COA F . -13.61 -27.72 6.65
C4A COA F . -13.01 -28.19 5.50
C5A COA F . -13.41 -27.70 4.19
C6A COA F . -14.44 -26.67 4.17
N6A COA F . -14.78 -26.23 2.93
N7A COA F . -12.69 -28.32 3.25
C8A COA F . -11.87 -29.18 3.90
N9A COA F . -12.08 -29.07 5.22
C1B COA F . -11.42 -29.83 6.28
C2B COA F . -12.38 -30.85 6.86
O2B COA F . -13.08 -30.23 7.96
C3B COA F . -11.46 -32.02 7.19
O3B COA F . -11.26 -32.13 8.60
P3B COA F . -11.50 -33.52 9.37
O7A COA F . -13.00 -33.56 9.52
O8A COA F . -10.87 -34.53 8.44
O9A COA F . -10.78 -33.32 10.66
C4B COA F . -10.12 -31.71 6.52
O4B COA F . -10.33 -30.55 5.74
C5B COA F . -9.59 -32.78 5.59
O5B COA F . -9.74 -32.25 4.27
P1A COA F . -9.64 -33.24 3.02
O1A COA F . -8.97 -34.52 3.50
O2A COA F . -11.04 -33.23 2.44
O3A COA F . -8.59 -32.55 2.02
P2A COA F . -9.05 -31.76 0.68
O4A COA F . -10.56 -31.61 0.74
O5A COA F . -8.36 -32.38 -0.52
O6A COA F . -8.34 -30.33 0.91
CBP COA F . -8.19 -28.00 1.67
CCP COA F . -8.89 -29.34 1.79
CDP COA F . -8.85 -27.01 2.62
CEP COA F . -6.73 -28.17 2.05
CAP COA F . -8.34 -27.50 0.23
OAP COA F . -9.73 -27.27 -0.08
C9P COA F . -7.55 -26.24 0.02
O9P COA F . -6.33 -26.33 -0.07
N8P COA F . -8.22 -25.09 -0.05
C7P COA F . -7.59 -23.79 -0.20
C6P COA F . -6.92 -23.26 1.08
C5P COA F . -6.54 -21.81 0.84
O5P COA F . -5.60 -21.57 0.08
N4P COA F . -7.31 -20.88 1.37
C3P COA F . -7.29 -19.52 0.88
C2P COA F . -7.89 -19.61 -0.51
S1P COA F . -8.22 -17.97 -1.11
#